data_4QD8
#
_entry.id   4QD8
#
_cell.length_a   101.687
_cell.length_b   202.005
_cell.length_c   91.083
_cell.angle_alpha   90.00
_cell.angle_beta   90.00
_cell.angle_gamma   90.00
#
_symmetry.space_group_name_H-M   'C 2 2 21'
#
loop_
_entity.id
_entity.type
_entity.pdbx_description
1 polymer 'Thioesterase PA1618'
2 non-polymer 'phenacyl coenzyme A'
3 water water
#
_entity_poly.entity_id   1
_entity_poly.type   'polypeptide(L)'
_entity_poly.pdbx_seq_one_letter_code
;MSLWRQTPDLEQLNASQKNSIGDLLGIRFEAFDDESLTASMPVDSRTHQPFGLLHGGASVVLAESLGSMASYLCVDTSQY
YCVGLEVNANHLRGLRSGRVTAVARAIHLGRTTHVWDIRLSGDDGKPSCIARLTMAVVPLAGRALEHHHHHH
;
_entity_poly.pdbx_strand_id   A,B,C,D,E,F
#
# COMPACT_ATOMS: atom_id res chain seq x y z
N SER A 2 -38.57 -11.33 -3.95
CA SER A 2 -39.84 -12.06 -3.96
C SER A 2 -40.62 -11.81 -2.69
N LEU A 3 -39.93 -11.98 -1.56
CA LEU A 3 -40.49 -11.67 -0.25
C LEU A 3 -40.74 -10.17 -0.21
N TRP A 4 -39.86 -9.43 -0.87
CA TRP A 4 -39.73 -8.00 -0.63
C TRP A 4 -40.71 -7.15 -1.40
N ARG A 5 -41.14 -6.05 -0.78
CA ARG A 5 -41.86 -5.00 -1.50
C ARG A 5 -40.85 -4.01 -2.03
N GLN A 6 -40.12 -3.38 -1.11
CA GLN A 6 -38.95 -2.61 -1.50
C GLN A 6 -37.74 -3.51 -1.70
N THR A 7 -37.15 -3.45 -2.89
CA THR A 7 -35.94 -4.22 -3.18
C THR A 7 -34.81 -3.78 -2.23
N PRO A 8 -34.19 -4.75 -1.54
CA PRO A 8 -33.16 -4.33 -0.59
C PRO A 8 -32.00 -3.64 -1.29
N ASP A 9 -31.55 -2.53 -0.73
CA ASP A 9 -30.34 -1.87 -1.20
C ASP A 9 -29.42 -1.71 0.01
N LEU A 10 -28.34 -2.48 0.02
CA LEU A 10 -27.50 -2.63 1.21
C LEU A 10 -26.89 -1.30 1.65
N GLU A 11 -26.57 -0.42 0.70
CA GLU A 11 -25.99 0.86 1.05
C GLU A 11 -26.96 1.71 1.85
N GLN A 12 -28.21 1.76 1.41
CA GLN A 12 -29.24 2.53 2.09
C GLN A 12 -29.51 1.94 3.46
N LEU A 13 -29.58 0.61 3.53
CA LEU A 13 -29.83 -0.05 4.81
C LEU A 13 -28.74 0.33 5.79
N ASN A 14 -27.49 0.22 5.35
CA ASN A 14 -26.37 0.60 6.19
C ASN A 14 -26.34 2.09 6.51
N ALA A 15 -26.49 2.92 5.49
CA ALA A 15 -26.52 4.36 5.69
C ALA A 15 -27.62 4.79 6.67
N SER A 16 -28.75 4.09 6.65
CA SER A 16 -29.90 4.50 7.47
C SER A 16 -29.64 4.34 8.97
N GLN A 17 -28.60 3.59 9.32
CA GLN A 17 -28.30 3.34 10.73
C GLN A 17 -27.52 4.44 11.42
N LYS A 18 -27.15 5.47 10.66
CA LYS A 18 -26.38 6.57 11.22
C LYS A 18 -27.07 7.15 12.45
N ASN A 19 -26.29 7.43 13.49
CA ASN A 19 -26.81 7.95 14.76
C ASN A 19 -27.80 7.02 15.45
N SER A 20 -27.62 5.71 15.30
CA SER A 20 -28.46 4.76 16.02
C SER A 20 -27.56 3.63 16.52
N ILE A 21 -28.12 2.71 17.30
CA ILE A 21 -27.28 1.69 17.93
C ILE A 21 -26.58 0.78 16.91
N GLY A 22 -27.23 0.53 15.78
CA GLY A 22 -26.65 -0.35 14.78
C GLY A 22 -25.32 0.17 14.25
N ASP A 23 -25.22 1.49 14.09
CA ASP A 23 -23.98 2.11 13.66
C ASP A 23 -22.94 2.00 14.78
N LEU A 24 -23.38 2.28 16.00
CA LEU A 24 -22.51 2.20 17.18
C LEU A 24 -21.87 0.81 17.32
N LEU A 25 -22.64 -0.24 17.06
CA LEU A 25 -22.14 -1.61 17.25
C LEU A 25 -21.50 -2.22 16.00
N GLY A 26 -21.49 -1.50 14.89
CA GLY A 26 -20.87 -2.01 13.68
C GLY A 26 -21.70 -3.03 12.93
N ILE A 27 -23.01 -3.01 13.13
CA ILE A 27 -23.89 -3.87 12.35
C ILE A 27 -23.80 -3.51 10.86
N ARG A 28 -23.60 -4.53 10.05
CA ARG A 28 -23.44 -4.35 8.61
C ARG A 28 -24.41 -5.26 7.87
N PHE A 29 -25.33 -4.69 7.11
CA PHE A 29 -26.16 -5.48 6.21
C PHE A 29 -25.29 -5.94 5.06
N GLU A 30 -25.26 -7.26 4.83
CA GLU A 30 -24.25 -7.89 3.98
C GLU A 30 -24.76 -8.48 2.70
N ALA A 31 -25.96 -9.04 2.76
CA ALA A 31 -26.46 -9.87 1.67
C ALA A 31 -27.96 -9.99 1.74
N PHE A 32 -28.56 -10.30 0.59
CA PHE A 32 -29.96 -10.66 0.55
C PHE A 32 -30.23 -11.57 -0.64
N ASP A 33 -31.35 -12.29 -0.59
CA ASP A 33 -31.86 -12.97 -1.77
C ASP A 33 -33.38 -12.89 -1.77
N ASP A 34 -34.04 -13.73 -2.56
CA ASP A 34 -35.50 -13.64 -2.67
C ASP A 34 -36.24 -14.00 -1.40
N GLU A 35 -35.54 -14.64 -0.45
CA GLU A 35 -36.20 -15.18 0.73
C GLU A 35 -35.54 -14.77 2.03
N SER A 36 -34.44 -14.04 1.97
CA SER A 36 -33.69 -13.79 3.21
C SER A 36 -32.89 -12.50 3.17
N LEU A 37 -32.51 -12.03 4.36
CA LEU A 37 -31.70 -10.83 4.50
C LEU A 37 -30.64 -11.16 5.55
N THR A 38 -29.40 -10.73 5.32
CA THR A 38 -28.26 -11.13 6.16
C THR A 38 -27.50 -9.90 6.66
N ALA A 39 -27.15 -9.89 7.96
CA ALA A 39 -26.33 -8.83 8.55
C ALA A 39 -25.35 -9.46 9.52
N SER A 40 -24.22 -8.81 9.75
CA SER A 40 -23.22 -9.30 10.68
C SER A 40 -22.80 -8.20 11.63
N MET A 41 -22.11 -8.58 12.71
CA MET A 41 -21.74 -7.64 13.75
C MET A 41 -20.43 -8.13 14.34
N PRO A 42 -19.52 -7.19 14.66
CA PRO A 42 -18.26 -7.61 15.30
C PRO A 42 -18.46 -8.13 16.71
N VAL A 43 -17.64 -9.09 17.11
CA VAL A 43 -17.58 -9.57 18.48
C VAL A 43 -16.32 -8.96 19.10
N ASP A 44 -16.49 -7.82 19.77
CA ASP A 44 -15.36 -7.09 20.35
C ASP A 44 -15.81 -6.29 21.56
N SER A 45 -15.01 -5.31 21.99
CA SER A 45 -15.35 -4.55 23.19
C SER A 45 -16.69 -3.80 23.10
N ARG A 46 -17.13 -3.53 21.88
CA ARG A 46 -18.41 -2.83 21.70
C ARG A 46 -19.59 -3.73 22.04
N THR A 47 -19.40 -5.04 21.89
CA THR A 47 -20.50 -6.00 21.98
C THR A 47 -20.26 -7.08 23.03
N HIS A 48 -19.09 -7.05 23.67
CA HIS A 48 -18.81 -7.99 24.77
C HIS A 48 -19.63 -7.71 26.03
N GLN A 49 -19.89 -8.76 26.82
CA GLN A 49 -20.28 -8.57 28.22
C GLN A 49 -18.98 -8.55 29.06
N PRO A 50 -19.07 -8.35 30.40
CA PRO A 50 -17.82 -8.10 31.12
C PRO A 50 -16.80 -9.24 31.17
N PHE A 51 -17.18 -10.45 30.77
CA PHE A 51 -16.27 -11.58 30.83
C PHE A 51 -15.68 -11.93 29.48
N GLY A 52 -15.91 -11.07 28.50
CA GLY A 52 -15.27 -11.19 27.22
C GLY A 52 -15.99 -12.06 26.21
N LEU A 53 -17.24 -12.44 26.51
CA LEU A 53 -18.08 -13.18 25.58
C LEU A 53 -19.03 -12.18 24.91
N LEU A 54 -19.48 -12.49 23.71
CA LEU A 54 -20.55 -11.69 23.10
C LEU A 54 -21.75 -11.61 24.05
N HIS A 55 -22.19 -10.39 24.37
CA HIS A 55 -23.33 -10.15 25.25
C HIS A 55 -24.59 -10.69 24.57
N GLY A 56 -25.38 -11.47 25.29
CA GLY A 56 -26.56 -12.08 24.70
C GLY A 56 -27.55 -11.04 24.22
N GLY A 57 -27.58 -9.90 24.89
CA GLY A 57 -28.41 -8.80 24.40
C GLY A 57 -27.93 -8.24 23.08
N ALA A 58 -26.62 -8.23 22.87
CA ALA A 58 -26.07 -7.75 21.60
C ALA A 58 -26.53 -8.66 20.45
N SER A 59 -26.60 -9.97 20.70
CA SER A 59 -27.15 -10.89 19.71
C SER A 59 -28.57 -10.49 19.37
N VAL A 60 -29.33 -10.08 20.39
CA VAL A 60 -30.71 -9.68 20.18
C VAL A 60 -30.80 -8.33 19.43
N VAL A 61 -29.89 -7.39 19.71
CA VAL A 61 -29.86 -6.14 18.93
C VAL A 61 -29.67 -6.47 17.44
N LEU A 62 -28.72 -7.35 17.14
CA LEU A 62 -28.51 -7.75 15.75
C LEU A 62 -29.77 -8.37 15.16
N ALA A 63 -30.40 -9.28 15.90
CA ALA A 63 -31.59 -9.97 15.41
C ALA A 63 -32.72 -8.99 15.18
N GLU A 64 -32.93 -8.07 16.13
CA GLU A 64 -34.04 -7.13 16.02
C GLU A 64 -33.78 -6.05 14.97
N SER A 65 -32.52 -5.65 14.80
CA SER A 65 -32.16 -4.73 13.71
C SER A 65 -32.49 -5.36 12.37
N LEU A 66 -32.09 -6.62 12.22
CA LEU A 66 -32.22 -7.34 10.98
C LEU A 66 -33.69 -7.58 10.68
N GLY A 67 -34.43 -8.12 11.63
CA GLY A 67 -35.85 -8.40 11.42
C GLY A 67 -36.69 -7.15 11.24
N SER A 68 -36.37 -6.07 11.94
CA SER A 68 -37.14 -4.84 11.79
C SER A 68 -36.93 -4.24 10.41
N MET A 69 -35.69 -4.32 9.92
CA MET A 69 -35.39 -3.82 8.58
C MET A 69 -36.08 -4.68 7.54
N ALA A 70 -36.06 -5.99 7.76
CA ALA A 70 -36.78 -6.90 6.87
C ALA A 70 -38.29 -6.56 6.80
N SER A 71 -38.90 -6.26 7.95
CA SER A 71 -40.31 -5.84 7.96
C SER A 71 -40.53 -4.54 7.20
N TYR A 72 -39.64 -3.59 7.38
CA TYR A 72 -39.74 -2.33 6.64
C TYR A 72 -39.70 -2.50 5.14
N LEU A 73 -38.98 -3.52 4.67
CA LEU A 73 -38.85 -3.79 3.25
C LEU A 73 -40.05 -4.58 2.72
N CYS A 74 -40.96 -4.95 3.61
CA CYS A 74 -42.12 -5.76 3.24
C CYS A 74 -43.45 -5.03 3.35
N VAL A 75 -43.48 -3.90 4.05
CA VAL A 75 -44.74 -3.16 4.16
C VAL A 75 -44.82 -1.98 3.22
N ASP A 76 -46.04 -1.48 3.05
CA ASP A 76 -46.30 -0.22 2.38
C ASP A 76 -45.96 0.90 3.35
N THR A 77 -44.78 1.48 3.16
CA THR A 77 -44.23 2.47 4.07
C THR A 77 -44.92 3.84 3.98
N SER A 78 -45.80 4.00 3.00
CA SER A 78 -46.58 5.23 2.88
C SER A 78 -47.80 5.20 3.80
N GLN A 79 -48.11 4.01 4.32
CA GLN A 79 -49.27 3.86 5.18
C GLN A 79 -48.94 3.23 6.53
N TYR A 80 -47.81 2.54 6.62
CA TYR A 80 -47.50 1.75 7.80
C TYR A 80 -46.06 1.89 8.25
N TYR A 81 -45.84 1.67 9.55
CA TYR A 81 -44.49 1.45 10.01
C TYR A 81 -44.53 0.25 10.94
N CYS A 82 -43.36 -0.28 11.24
CA CYS A 82 -43.28 -1.52 12.00
C CYS A 82 -42.47 -1.32 13.26
N VAL A 83 -42.94 -1.89 14.36
CA VAL A 83 -42.18 -1.86 15.61
C VAL A 83 -42.11 -3.25 16.22
N GLY A 84 -41.04 -3.53 16.96
CA GLY A 84 -40.94 -4.81 17.65
C GLY A 84 -42.08 -4.98 18.63
N LEU A 85 -42.66 -6.18 18.65
CA LEU A 85 -43.73 -6.48 19.59
C LEU A 85 -43.30 -7.53 20.62
N GLU A 86 -42.69 -8.61 20.15
CA GLU A 86 -42.20 -9.65 21.04
C GLU A 86 -40.92 -10.21 20.45
N VAL A 87 -39.95 -10.52 21.30
CA VAL A 87 -38.74 -11.14 20.80
C VAL A 87 -38.31 -12.22 21.78
N ASN A 88 -37.70 -13.27 21.27
CA ASN A 88 -37.16 -14.31 22.14
C ASN A 88 -35.93 -14.89 21.47
N ALA A 89 -35.04 -15.48 22.26
CA ALA A 89 -33.83 -16.06 21.70
C ALA A 89 -33.31 -17.17 22.60
N ASN A 90 -32.77 -18.22 21.98
CA ASN A 90 -31.92 -19.16 22.71
C ASN A 90 -30.46 -18.86 22.41
N HIS A 91 -29.65 -18.71 23.46
CA HIS A 91 -28.22 -18.57 23.35
C HIS A 91 -27.59 -19.97 23.37
N LEU A 92 -27.05 -20.37 22.23
CA LEU A 92 -26.59 -21.73 21.99
C LEU A 92 -25.11 -21.95 22.28
N ARG A 93 -24.27 -21.04 21.78
CA ARG A 93 -22.82 -21.13 21.93
C ARG A 93 -22.25 -19.76 22.22
N GLY A 94 -21.25 -19.69 23.08
CA GLY A 94 -20.57 -18.43 23.31
C GLY A 94 -19.61 -18.05 22.19
N LEU A 95 -19.42 -16.76 21.99
CA LEU A 95 -18.43 -16.26 21.01
C LEU A 95 -17.54 -15.25 21.70
N ARG A 96 -16.26 -15.23 21.33
CA ARG A 96 -15.30 -14.30 21.94
C ARG A 96 -14.70 -13.28 20.96
N SER A 97 -14.61 -13.66 19.69
CA SER A 97 -13.99 -12.78 18.71
C SER A 97 -14.53 -13.06 17.32
N GLY A 98 -14.01 -12.35 16.33
CA GLY A 98 -14.50 -12.44 14.97
C GLY A 98 -15.81 -11.68 14.81
N ARG A 99 -16.71 -12.21 14.00
CA ARG A 99 -18.02 -11.59 13.78
C ARG A 99 -19.12 -12.62 13.97
N VAL A 100 -20.32 -12.12 14.30
CA VAL A 100 -21.49 -12.97 14.36
C VAL A 100 -22.41 -12.59 13.21
N THR A 101 -22.90 -13.59 12.49
CA THR A 101 -23.71 -13.37 11.28
C THR A 101 -25.14 -13.85 11.50
N ALA A 102 -26.11 -12.99 11.19
CA ALA A 102 -27.52 -13.32 11.38
C ALA A 102 -28.21 -13.41 10.03
N VAL A 103 -29.06 -14.42 9.86
CA VAL A 103 -29.84 -14.55 8.62
C VAL A 103 -31.32 -14.57 8.99
N ALA A 104 -32.11 -13.70 8.38
CA ALA A 104 -33.54 -13.62 8.66
C ALA A 104 -34.35 -14.23 7.53
N ARG A 105 -35.33 -15.04 7.89
CA ARG A 105 -36.28 -15.63 6.96
C ARG A 105 -37.70 -15.44 7.51
N ALA A 106 -38.68 -15.25 6.63
CA ALA A 106 -40.04 -15.01 7.12
C ALA A 106 -40.72 -16.30 7.55
N ILE A 107 -41.44 -16.26 8.67
CA ILE A 107 -42.30 -17.36 9.04
C ILE A 107 -43.72 -17.01 8.62
N HIS A 108 -44.09 -15.75 8.84
CA HIS A 108 -45.45 -15.31 8.52
C HIS A 108 -45.51 -13.80 8.40
N LEU A 109 -46.00 -13.32 7.26
CA LEU A 109 -46.25 -11.90 7.09
C LEU A 109 -47.75 -11.66 7.03
N GLY A 110 -48.34 -11.35 8.17
CA GLY A 110 -49.78 -11.12 8.26
C GLY A 110 -50.07 -9.66 8.01
N ARG A 111 -51.33 -9.28 8.11
CA ARG A 111 -51.66 -7.87 7.94
C ARG A 111 -51.26 -6.99 9.12
N THR A 112 -51.26 -7.54 10.34
CA THR A 112 -51.00 -6.72 11.53
C THR A 112 -49.75 -7.16 12.29
N THR A 113 -49.25 -8.35 12.00
CA THR A 113 -48.01 -8.84 12.62
C THR A 113 -47.13 -9.55 11.61
N HIS A 114 -45.83 -9.51 11.85
CA HIS A 114 -44.88 -10.28 11.04
C HIS A 114 -44.10 -11.13 12.02
N VAL A 115 -43.75 -12.33 11.60
CA VAL A 115 -42.91 -13.20 12.43
C VAL A 115 -41.68 -13.61 11.61
N TRP A 116 -40.49 -13.35 12.16
CA TRP A 116 -39.22 -13.64 11.50
C TRP A 116 -38.42 -14.70 12.28
N ASP A 117 -37.77 -15.60 11.54
CA ASP A 117 -36.89 -16.61 12.08
C ASP A 117 -35.47 -16.08 11.87
N ILE A 118 -34.69 -15.92 12.93
CA ILE A 118 -33.36 -15.34 12.76
C ILE A 118 -32.30 -16.28 13.33
N ARG A 119 -31.37 -16.70 12.47
CA ARG A 119 -30.34 -17.67 12.86
C ARG A 119 -28.96 -16.99 12.89
N LEU A 120 -28.23 -17.15 13.99
CA LEU A 120 -26.92 -16.51 14.15
C LEU A 120 -25.84 -17.57 14.28
N SER A 121 -24.66 -17.24 13.75
CA SER A 121 -23.50 -18.12 13.87
C SER A 121 -22.22 -17.30 13.88
N GLY A 122 -21.21 -17.83 14.57
CA GLY A 122 -19.90 -17.20 14.56
C GLY A 122 -19.16 -17.60 13.31
N ASP A 123 -17.89 -17.21 13.26
CA ASP A 123 -17.12 -17.42 12.03
C ASP A 123 -16.85 -18.90 11.76
N ASP A 124 -16.96 -19.73 12.80
CA ASP A 124 -16.82 -21.17 12.61
C ASP A 124 -18.06 -21.83 11.97
N GLY A 125 -19.13 -21.05 11.81
CA GLY A 125 -20.33 -21.54 11.16
C GLY A 125 -21.27 -22.33 12.05
N LYS A 126 -20.88 -22.58 13.29
CA LYS A 126 -21.74 -23.31 14.22
C LYS A 126 -22.82 -22.37 14.78
N PRO A 127 -24.07 -22.85 14.88
CA PRO A 127 -25.15 -22.04 15.45
C PRO A 127 -24.79 -21.48 16.83
N SER A 128 -24.93 -20.17 16.99
CA SER A 128 -24.59 -19.52 18.26
C SER A 128 -25.83 -18.97 18.96
N CYS A 129 -26.87 -18.65 18.19
CA CYS A 129 -28.09 -18.10 18.77
C CYS A 129 -29.22 -18.32 17.76
N ILE A 130 -30.43 -18.59 18.25
CA ILE A 130 -31.58 -18.60 17.38
C ILE A 130 -32.60 -17.65 17.98
N ALA A 131 -33.19 -16.77 17.16
CA ALA A 131 -34.13 -15.79 17.67
C ALA A 131 -35.43 -15.88 16.90
N ARG A 132 -36.53 -15.52 17.55
CA ARG A 132 -37.77 -15.32 16.81
C ARG A 132 -38.35 -13.96 17.16
N LEU A 133 -38.72 -13.22 16.13
CA LEU A 133 -39.15 -11.85 16.32
C LEU A 133 -40.56 -11.64 15.78
N THR A 134 -41.43 -11.06 16.61
CA THR A 134 -42.77 -10.63 16.19
C THR A 134 -42.81 -9.11 16.07
N MET A 135 -43.11 -8.60 14.87
CA MET A 135 -43.23 -7.17 14.62
C MET A 135 -44.70 -6.81 14.55
N ALA A 136 -45.05 -5.63 15.05
CA ALA A 136 -46.39 -5.08 14.85
C ALA A 136 -46.37 -4.18 13.62
N VAL A 137 -47.42 -4.27 12.82
CA VAL A 137 -47.59 -3.37 11.67
C VAL A 137 -48.58 -2.30 12.10
N VAL A 138 -48.14 -1.05 12.10
CA VAL A 138 -48.89 0.07 12.69
C VAL A 138 -49.14 1.16 11.66
N PRO A 139 -50.41 1.61 11.52
CA PRO A 139 -50.69 2.69 10.57
C PRO A 139 -50.04 4.01 11.00
N LEU A 140 -49.43 4.74 10.06
CA LEU A 140 -48.82 6.04 10.35
C LEU A 140 -49.86 7.05 10.83
N SER B 2 23.31 -5.74 11.22
CA SER B 2 22.09 -6.52 11.40
C SER B 2 21.43 -6.08 12.69
N LEU B 3 22.19 -6.19 13.76
CA LEU B 3 21.74 -5.81 15.08
C LEU B 3 21.57 -4.29 15.17
N TRP B 4 22.46 -3.56 14.50
CA TRP B 4 22.61 -2.13 14.74
C TRP B 4 21.64 -1.23 13.99
N ARG B 5 21.24 -0.14 14.63
CA ARG B 5 20.52 0.94 13.94
C ARG B 5 21.54 1.94 13.42
N GLN B 6 22.33 2.50 14.32
CA GLN B 6 23.50 3.28 13.95
C GLN B 6 24.64 2.31 13.65
N THR B 7 25.19 2.34 12.44
CA THR B 7 26.40 1.58 12.16
C THR B 7 27.49 2.07 13.10
N PRO B 8 28.12 1.14 13.84
CA PRO B 8 29.15 1.58 14.79
C PRO B 8 30.35 2.16 14.04
N ASP B 9 30.87 3.27 14.54
CA ASP B 9 32.13 3.80 14.05
C ASP B 9 33.08 3.88 15.23
N LEU B 10 34.10 3.02 15.23
CA LEU B 10 34.99 2.87 16.38
C LEU B 10 35.66 4.17 16.82
N GLU B 11 36.11 4.97 15.85
CA GLU B 11 36.67 6.29 16.16
C GLU B 11 35.69 7.14 16.97
N GLN B 12 34.45 7.18 16.51
CA GLN B 12 33.40 7.95 17.13
C GLN B 12 33.07 7.45 18.54
N LEU B 13 33.02 6.13 18.70
CA LEU B 13 32.74 5.53 20.01
C LEU B 13 33.81 5.94 21.01
N ASN B 14 35.07 5.79 20.61
CA ASN B 14 36.19 6.15 21.46
C ASN B 14 36.21 7.64 21.83
N ALA B 15 35.87 8.50 20.88
CA ALA B 15 35.85 9.96 21.11
C ALA B 15 34.73 10.41 22.05
N SER B 16 33.59 9.71 22.01
CA SER B 16 32.47 10.05 22.88
C SER B 16 32.78 9.88 24.36
N GLN B 17 33.87 9.18 24.66
CA GLN B 17 34.24 8.86 26.05
C GLN B 17 35.03 9.96 26.74
N LYS B 18 35.45 10.98 25.99
CA LYS B 18 36.21 12.09 26.54
C LYS B 18 35.55 12.61 27.82
N ASN B 19 36.37 12.83 28.86
CA ASN B 19 35.89 13.35 30.14
C ASN B 19 34.91 12.43 30.85
N SER B 20 35.09 11.12 30.68
CA SER B 20 34.29 10.14 31.41
C SER B 20 35.19 8.98 31.84
N ILE B 21 34.66 8.11 32.70
CA ILE B 21 35.46 7.03 33.26
C ILE B 21 36.11 6.13 32.21
N GLY B 22 35.41 5.89 31.10
CA GLY B 22 35.93 5.06 30.02
C GLY B 22 37.25 5.59 29.49
N ASP B 23 37.33 6.92 29.34
CA ASP B 23 38.56 7.56 28.90
C ASP B 23 39.64 7.42 29.95
N LEU B 24 39.28 7.67 31.20
CA LEU B 24 40.20 7.62 32.33
C LEU B 24 40.81 6.22 32.50
N LEU B 25 40.01 5.18 32.24
CA LEU B 25 40.48 3.81 32.43
C LEU B 25 41.11 3.21 31.18
N GLY B 26 41.10 3.96 30.08
CA GLY B 26 41.71 3.48 28.85
C GLY B 26 40.88 2.48 28.07
N ILE B 27 39.56 2.51 28.27
CA ILE B 27 38.68 1.62 27.51
C ILE B 27 38.70 1.99 26.03
N ARG B 28 38.88 0.99 25.19
CA ARG B 28 39.02 1.19 23.75
C ARG B 28 38.04 0.30 23.01
N PHE B 29 37.15 0.90 22.24
CA PHE B 29 36.30 0.09 21.36
C PHE B 29 37.16 -0.40 20.19
N GLU B 30 37.13 -1.71 19.95
CA GLU B 30 38.16 -2.42 19.16
C GLU B 30 37.65 -2.94 17.84
N ALA B 31 36.40 -3.40 17.85
CA ALA B 31 35.88 -4.15 16.71
C ALA B 31 34.37 -4.30 16.83
N PHE B 32 33.74 -4.61 15.69
CA PHE B 32 32.33 -4.95 15.67
C PHE B 32 32.05 -5.82 14.47
N ASP B 33 30.93 -6.53 14.53
CA ASP B 33 30.38 -7.19 13.35
C ASP B 33 28.87 -7.12 13.42
N ASP B 34 28.20 -7.95 12.63
CA ASP B 34 26.74 -7.89 12.53
C ASP B 34 26.03 -8.26 13.84
N GLU B 35 26.76 -8.93 14.74
CA GLU B 35 26.15 -9.50 15.93
C GLU B 35 26.84 -9.13 17.22
N SER B 36 27.92 -8.37 17.15
CA SER B 36 28.68 -8.11 18.37
C SER B 36 29.46 -6.82 18.34
N LEU B 37 29.85 -6.37 19.53
CA LEU B 37 30.68 -5.18 19.70
C LEU B 37 31.76 -5.53 20.73
N THR B 38 32.99 -5.11 20.46
CA THR B 38 34.14 -5.50 21.28
C THR B 38 34.92 -4.28 21.77
N ALA B 39 35.31 -4.31 23.04
CA ALA B 39 36.11 -3.25 23.65
C ALA B 39 37.10 -3.89 24.59
N SER B 40 38.23 -3.21 24.82
CA SER B 40 39.24 -3.72 25.73
C SER B 40 39.66 -2.63 26.71
N MET B 41 40.37 -3.03 27.75
CA MET B 41 40.76 -2.13 28.82
C MET B 41 42.09 -2.63 29.38
N PRO B 42 43.02 -1.71 29.71
CA PRO B 42 44.28 -2.16 30.28
C PRO B 42 44.14 -2.70 31.70
N VAL B 43 44.98 -3.66 32.05
CA VAL B 43 45.08 -4.11 33.41
C VAL B 43 46.36 -3.53 34.00
N ASP B 44 46.23 -2.41 34.70
CA ASP B 44 47.38 -1.73 35.32
C ASP B 44 46.93 -0.96 36.57
N SER B 45 47.76 -0.03 37.04
CA SER B 45 47.46 0.68 38.28
C SER B 45 46.13 1.44 38.24
N ARG B 46 45.67 1.78 37.04
CA ARG B 46 44.38 2.45 36.85
C ARG B 46 43.20 1.54 37.17
N THR B 47 43.38 0.24 36.95
CA THR B 47 42.27 -0.70 37.08
C THR B 47 42.52 -1.80 38.12
N HIS B 48 43.70 -1.79 38.72
CA HIS B 48 44.02 -2.75 39.79
C HIS B 48 43.21 -2.50 41.07
N GLN B 49 43.01 -3.56 41.84
CA GLN B 49 42.62 -3.42 43.24
C GLN B 49 43.93 -3.45 44.09
N PRO B 50 43.85 -3.25 45.42
CA PRO B 50 45.11 -3.05 46.15
C PRO B 50 46.12 -4.21 46.17
N PHE B 51 45.77 -5.39 45.67
CA PHE B 51 46.71 -6.51 45.67
C PHE B 51 47.24 -6.83 44.28
N GLY B 52 47.04 -5.91 43.34
CA GLY B 52 47.63 -6.03 42.01
C GLY B 52 46.85 -6.86 41.01
N LEU B 53 45.62 -7.22 41.38
CA LEU B 53 44.71 -7.89 40.45
C LEU B 53 43.76 -6.88 39.83
N LEU B 54 43.26 -7.19 38.65
CA LEU B 54 42.17 -6.42 38.07
C LEU B 54 41.01 -6.38 39.05
N HIS B 55 40.58 -5.17 39.39
CA HIS B 55 39.46 -4.93 40.29
C HIS B 55 38.20 -5.48 39.62
N GLY B 56 37.41 -6.27 40.33
CA GLY B 56 36.20 -6.84 39.76
C GLY B 56 35.23 -5.79 39.27
N GLY B 57 35.18 -4.67 39.98
CA GLY B 57 34.35 -3.55 39.56
C GLY B 57 34.81 -2.95 38.26
N ALA B 58 36.12 -2.95 38.01
CA ALA B 58 36.64 -2.43 36.74
C ALA B 58 36.18 -3.30 35.56
N SER B 59 36.14 -4.61 35.77
CA SER B 59 35.57 -5.52 34.76
C SER B 59 34.13 -5.11 34.46
N VAL B 60 33.40 -4.74 35.50
CA VAL B 60 31.99 -4.34 35.36
C VAL B 60 31.89 -2.96 34.69
N VAL B 61 32.82 -2.05 34.99
CA VAL B 61 32.87 -0.79 34.22
C VAL B 61 33.02 -1.07 32.72
N LEU B 62 33.94 -1.94 32.36
CA LEU B 62 34.09 -2.31 30.94
C LEU B 62 32.82 -2.91 30.36
N ALA B 63 32.21 -3.83 31.07
CA ALA B 63 31.00 -4.51 30.61
C ALA B 63 29.86 -3.53 30.39
N GLU B 64 29.68 -2.61 31.33
CA GLU B 64 28.58 -1.66 31.28
C GLU B 64 28.86 -0.56 30.25
N SER B 65 30.12 -0.11 30.15
CA SER B 65 30.48 0.79 29.04
C SER B 65 30.13 0.17 27.69
N LEU B 66 30.50 -1.08 27.51
CA LEU B 66 30.32 -1.76 26.25
C LEU B 66 28.85 -1.97 25.97
N GLY B 67 28.11 -2.48 26.95
CA GLY B 67 26.71 -2.80 26.74
C GLY B 67 25.84 -1.57 26.56
N SER B 68 26.17 -0.52 27.31
CA SER B 68 25.43 0.75 27.19
C SER B 68 25.61 1.33 25.80
N MET B 69 26.85 1.29 25.31
CA MET B 69 27.16 1.81 23.99
C MET B 69 26.41 1.00 22.95
N ALA B 70 26.40 -0.32 23.11
CA ALA B 70 25.67 -1.21 22.22
C ALA B 70 24.18 -0.86 22.17
N SER B 71 23.58 -0.61 23.33
CA SER B 71 22.17 -0.22 23.38
C SER B 71 21.94 1.09 22.63
N TYR B 72 22.85 2.04 22.85
CA TYR B 72 22.80 3.36 22.20
C TYR B 72 22.73 3.21 20.69
N LEU B 73 23.46 2.22 20.18
CA LEU B 73 23.55 1.95 18.74
C LEU B 73 22.33 1.19 18.21
N CYS B 74 21.44 0.77 19.11
CA CYS B 74 20.31 -0.05 18.73
C CYS B 74 18.95 0.66 18.83
N VAL B 75 18.94 1.88 19.35
CA VAL B 75 17.68 2.60 19.51
C VAL B 75 17.61 3.87 18.67
N ASP B 76 16.38 4.36 18.45
CA ASP B 76 16.16 5.66 17.86
C ASP B 76 16.51 6.71 18.90
N THR B 77 17.72 7.25 18.80
CA THR B 77 18.23 8.20 19.77
C THR B 77 17.52 9.56 19.75
N SER B 78 16.62 9.76 18.78
CA SER B 78 15.84 10.98 18.71
C SER B 78 14.58 10.86 19.57
N GLN B 79 14.29 9.65 20.04
CA GLN B 79 13.12 9.44 20.89
C GLN B 79 13.46 8.76 22.21
N TYR B 80 14.59 8.05 22.26
CA TYR B 80 14.91 7.23 23.43
C TYR B 80 16.35 7.39 23.89
N TYR B 81 16.58 7.15 25.18
CA TYR B 81 17.93 6.95 25.67
C TYR B 81 17.91 5.71 26.56
N CYS B 82 19.08 5.15 26.84
CA CYS B 82 19.17 3.90 27.60
C CYS B 82 20.02 4.09 28.84
N VAL B 83 19.56 3.57 29.97
CA VAL B 83 20.34 3.59 31.20
C VAL B 83 20.40 2.18 31.76
N GLY B 84 21.48 1.86 32.46
CA GLY B 84 21.60 0.54 33.04
C GLY B 84 20.55 0.38 34.12
N LEU B 85 19.95 -0.81 34.19
CA LEU B 85 18.92 -1.10 35.17
C LEU B 85 19.41 -2.13 36.18
N GLU B 86 20.02 -3.19 35.67
CA GLU B 86 20.56 -4.24 36.55
C GLU B 86 21.79 -4.81 35.88
N VAL B 87 22.79 -5.17 36.68
CA VAL B 87 23.96 -5.81 36.10
C VAL B 87 24.44 -6.90 37.05
N ASN B 88 24.99 -7.96 36.49
CA ASN B 88 25.57 -8.97 37.36
C ASN B 88 26.80 -9.58 36.68
N ALA B 89 27.68 -10.19 37.45
CA ALA B 89 28.89 -10.74 36.84
C ALA B 89 29.45 -11.85 37.71
N ASN B 90 29.94 -12.89 37.05
CA ASN B 90 30.79 -13.87 37.75
C ASN B 90 32.24 -13.58 37.43
N HIS B 91 33.08 -13.55 38.44
CA HIS B 91 34.50 -13.40 38.31
C HIS B 91 35.16 -14.76 38.24
N LEU B 92 35.74 -15.09 37.10
CA LEU B 92 36.18 -16.43 36.81
C LEU B 92 37.65 -16.65 37.04
N ARG B 93 38.46 -15.72 36.60
CA ARG B 93 39.91 -15.82 36.73
C ARG B 93 40.50 -14.45 36.98
N GLY B 94 41.51 -14.36 37.81
CA GLY B 94 42.20 -13.10 38.01
C GLY B 94 43.12 -12.68 36.87
N LEU B 95 43.39 -11.38 36.74
CA LEU B 95 44.34 -10.91 35.75
C LEU B 95 45.25 -9.92 36.44
N ARG B 96 46.51 -9.88 36.04
CA ARG B 96 47.47 -8.98 36.66
C ARG B 96 48.01 -7.95 35.67
N SER B 97 48.09 -8.33 34.41
CA SER B 97 48.68 -7.44 33.41
C SER B 97 48.10 -7.65 32.03
N GLY B 98 48.56 -6.85 31.08
CA GLY B 98 48.05 -6.92 29.71
C GLY B 98 46.73 -6.17 29.62
N ARG B 99 45.83 -6.67 28.77
CA ARG B 99 44.52 -6.07 28.62
C ARG B 99 43.43 -7.11 28.85
N VAL B 100 42.24 -6.63 29.20
CA VAL B 100 41.07 -7.50 29.26
C VAL B 100 40.12 -7.07 28.15
N THR B 101 39.60 -8.03 27.40
CA THR B 101 38.77 -7.77 26.25
C THR B 101 37.35 -8.28 26.49
N ALA B 102 36.36 -7.43 26.23
CA ALA B 102 34.95 -7.81 26.42
C ALA B 102 34.26 -7.86 25.07
N VAL B 103 33.42 -8.88 24.88
CA VAL B 103 32.60 -8.97 23.68
C VAL B 103 31.13 -8.99 24.10
N ALA B 104 30.33 -8.08 23.53
CA ALA B 104 28.91 -8.01 23.86
C ALA B 104 28.06 -8.59 22.74
N ARG B 105 27.06 -9.38 23.12
CA ARG B 105 26.11 -9.98 22.19
C ARG B 105 24.71 -9.78 22.76
N ALA B 106 23.72 -9.65 21.89
CA ALA B 106 22.37 -9.39 22.37
C ALA B 106 21.65 -10.67 22.77
N ILE B 107 20.99 -10.62 23.93
CA ILE B 107 20.10 -11.69 24.36
C ILE B 107 18.66 -11.33 23.94
N HIS B 108 18.31 -10.09 24.20
CA HIS B 108 16.97 -9.60 23.91
C HIS B 108 16.98 -8.09 23.78
N LEU B 109 16.43 -7.59 22.67
CA LEU B 109 16.22 -6.17 22.51
C LEU B 109 14.72 -5.91 22.48
N GLY B 110 14.14 -5.61 23.64
CA GLY B 110 12.73 -5.32 23.75
C GLY B 110 12.43 -3.84 23.59
N ARG B 111 11.16 -3.48 23.68
CA ARG B 111 10.81 -2.07 23.58
C ARG B 111 11.18 -1.28 24.83
N THR B 112 11.19 -1.94 25.98
CA THR B 112 11.46 -1.21 27.23
C THR B 112 12.73 -1.66 27.93
N THR B 113 13.26 -2.83 27.55
CA THR B 113 14.51 -3.30 28.13
C THR B 113 15.39 -3.97 27.08
N HIS B 114 16.70 -3.91 27.30
CA HIS B 114 17.67 -4.68 26.51
C HIS B 114 18.45 -5.55 27.48
N VAL B 115 18.77 -6.75 27.05
CA VAL B 115 19.62 -7.64 27.85
C VAL B 115 20.82 -8.07 26.99
N TRP B 116 22.03 -7.79 27.50
CA TRP B 116 23.29 -8.09 26.84
C TRP B 116 24.10 -9.15 27.56
N ASP B 117 24.71 -10.06 26.79
CA ASP B 117 25.63 -11.09 27.25
C ASP B 117 27.04 -10.58 26.96
N ILE B 118 27.86 -10.45 28.01
CA ILE B 118 29.18 -9.86 27.85
C ILE B 118 30.26 -10.81 28.40
N ARG B 119 31.19 -11.19 27.53
CA ARG B 119 32.22 -12.17 27.87
C ARG B 119 33.59 -11.47 27.87
N LEU B 120 34.31 -11.63 28.98
CA LEU B 120 35.61 -10.99 29.15
C LEU B 120 36.70 -12.04 29.24
N SER B 121 37.87 -11.71 28.72
CA SER B 121 39.02 -12.62 28.80
C SER B 121 40.32 -11.83 28.74
N GLY B 122 41.36 -12.38 29.34
CA GLY B 122 42.67 -11.75 29.32
C GLY B 122 43.39 -12.12 28.04
N ASP B 123 44.63 -11.66 27.92
CA ASP B 123 45.37 -11.87 26.68
C ASP B 123 45.66 -13.34 26.39
N ASP B 124 45.57 -14.19 27.41
CA ASP B 124 45.73 -15.64 27.19
C ASP B 124 44.48 -16.27 26.59
N GLY B 125 43.41 -15.48 26.48
CA GLY B 125 42.19 -15.94 25.84
C GLY B 125 41.25 -16.75 26.72
N LYS B 126 41.63 -16.99 27.97
CA LYS B 126 40.78 -17.77 28.89
C LYS B 126 39.74 -16.86 29.53
N PRO B 127 38.49 -17.33 29.62
CA PRO B 127 37.43 -16.53 30.23
C PRO B 127 37.82 -16.01 31.62
N SER B 128 37.71 -14.69 31.82
CA SER B 128 38.07 -14.06 33.08
C SER B 128 36.84 -13.56 33.85
N CYS B 129 35.79 -13.23 33.12
CA CYS B 129 34.58 -12.68 33.71
C CYS B 129 33.43 -12.88 32.72
N ILE B 130 32.23 -13.12 33.22
CA ILE B 130 31.03 -13.12 32.40
C ILE B 130 30.03 -12.21 33.07
N ALA B 131 29.39 -11.33 32.30
CA ALA B 131 28.43 -10.39 32.85
C ALA B 131 27.16 -10.44 32.02
N ARG B 132 26.06 -10.06 32.66
CA ARG B 132 24.79 -9.87 31.97
C ARG B 132 24.26 -8.51 32.41
N LEU B 133 23.79 -7.72 31.45
CA LEU B 133 23.43 -6.34 31.73
C LEU B 133 22.04 -6.12 31.20
N THR B 134 21.18 -5.56 32.05
CA THR B 134 19.84 -5.16 31.63
C THR B 134 19.81 -3.62 31.56
N MET B 135 19.43 -3.11 30.39
CA MET B 135 19.28 -1.67 30.18
C MET B 135 17.80 -1.33 30.12
N ALA B 136 17.43 -0.21 30.73
CA ALA B 136 16.09 0.34 30.55
C ALA B 136 16.09 1.28 29.35
N VAL B 137 15.06 1.18 28.52
CA VAL B 137 14.89 2.08 27.38
C VAL B 137 13.86 3.13 27.74
N VAL B 138 14.28 4.39 27.76
CA VAL B 138 13.48 5.47 28.32
C VAL B 138 13.20 6.57 27.29
N PRO B 139 11.93 7.00 27.18
CA PRO B 139 11.56 8.11 26.29
C PRO B 139 12.23 9.44 26.66
N LEU B 140 12.73 10.17 25.66
CA LEU B 140 13.35 11.47 25.89
C LEU B 140 12.28 12.49 26.28
N SER C 2 -3.18 -13.20 -24.82
CA SER C 2 -4.48 -12.77 -24.33
C SER C 2 -5.50 -13.86 -24.58
N LEU C 3 -5.00 -15.03 -24.93
CA LEU C 3 -5.79 -16.15 -25.44
C LEU C 3 -7.12 -16.39 -24.71
N TRP C 4 -8.19 -16.15 -25.46
CA TRP C 4 -9.55 -16.16 -24.95
C TRP C 4 -10.00 -17.58 -24.67
N ARG C 5 -10.95 -17.72 -23.74
CA ARG C 5 -11.49 -19.04 -23.42
C ARG C 5 -12.32 -19.54 -24.60
N GLN C 6 -13.12 -18.64 -25.16
CA GLN C 6 -13.84 -18.91 -26.41
C GLN C 6 -13.63 -17.72 -27.34
N THR C 7 -13.80 -17.95 -28.65
CA THR C 7 -13.69 -16.88 -29.64
C THR C 7 -14.58 -15.70 -29.28
N PRO C 8 -14.00 -14.49 -29.23
CA PRO C 8 -14.79 -13.29 -28.91
C PRO C 8 -15.87 -13.02 -29.95
N ASP C 9 -16.96 -12.41 -29.50
CA ASP C 9 -18.06 -12.03 -30.37
C ASP C 9 -18.30 -10.54 -30.14
N LEU C 10 -17.88 -9.72 -31.10
CA LEU C 10 -17.95 -8.27 -30.98
C LEU C 10 -19.35 -7.71 -30.80
N GLU C 11 -20.32 -8.32 -31.47
CA GLU C 11 -21.69 -7.85 -31.39
C GLU C 11 -22.22 -8.06 -29.98
N GLN C 12 -21.74 -9.12 -29.33
CA GLN C 12 -22.19 -9.43 -27.99
C GLN C 12 -21.59 -8.44 -27.00
N LEU C 13 -20.29 -8.20 -27.13
CA LEU C 13 -19.59 -7.23 -26.29
C LEU C 13 -20.28 -5.88 -26.35
N ASN C 14 -20.62 -5.46 -27.57
CA ASN C 14 -21.26 -4.18 -27.78
C ASN C 14 -22.68 -4.09 -27.23
N ALA C 15 -23.42 -5.20 -27.33
CA ALA C 15 -24.81 -5.21 -26.86
C ALA C 15 -24.90 -5.21 -25.33
N SER C 16 -23.93 -5.82 -24.67
CA SER C 16 -23.98 -5.92 -23.20
C SER C 16 -23.79 -4.56 -22.52
N GLN C 17 -23.29 -3.59 -23.29
CA GLN C 17 -23.00 -2.25 -22.78
C GLN C 17 -24.21 -1.36 -22.62
N LYS C 18 -25.30 -1.69 -23.30
CA LYS C 18 -26.45 -0.79 -23.37
C LYS C 18 -26.94 -0.37 -21.99
N ASN C 19 -27.29 0.91 -21.86
CA ASN C 19 -27.75 1.48 -20.60
C ASN C 19 -26.70 1.44 -19.48
N SER C 20 -25.44 1.55 -19.87
CA SER C 20 -24.33 1.71 -18.92
C SER C 20 -23.42 2.84 -19.41
N ILE C 21 -22.42 3.21 -18.61
CA ILE C 21 -21.59 4.35 -18.96
C ILE C 21 -20.90 4.18 -20.31
N GLY C 22 -20.51 2.95 -20.64
CA GLY C 22 -19.81 2.68 -21.90
C GLY C 22 -20.66 3.05 -23.10
N ASP C 23 -21.93 2.68 -23.04
CA ASP C 23 -22.89 3.08 -24.08
C ASP C 23 -23.03 4.60 -24.10
N LEU C 24 -23.17 5.19 -22.92
CA LEU C 24 -23.36 6.63 -22.78
C LEU C 24 -22.23 7.44 -23.43
N LEU C 25 -21.00 6.93 -23.32
CA LEU C 25 -19.84 7.65 -23.83
C LEU C 25 -19.51 7.21 -25.25
N GLY C 26 -20.32 6.32 -25.82
CA GLY C 26 -20.09 5.86 -27.19
C GLY C 26 -18.93 4.91 -27.40
N ILE C 27 -18.57 4.15 -26.37
CA ILE C 27 -17.54 3.12 -26.51
C ILE C 27 -18.00 2.02 -27.46
N ARG C 28 -17.13 1.65 -28.39
CA ARG C 28 -17.44 0.58 -29.34
C ARG C 28 -16.32 -0.44 -29.34
N PHE C 29 -16.65 -1.72 -29.20
CA PHE C 29 -15.66 -2.77 -29.37
C PHE C 29 -15.46 -3.03 -30.86
N GLU C 30 -14.21 -2.93 -31.30
CA GLU C 30 -13.90 -2.82 -32.73
C GLU C 30 -13.35 -4.09 -33.34
N ALA C 31 -12.45 -4.75 -32.64
CA ALA C 31 -11.68 -5.84 -33.22
C ALA C 31 -11.08 -6.74 -32.17
N PHE C 32 -10.65 -7.91 -32.61
CA PHE C 32 -9.85 -8.79 -31.77
C PHE C 32 -8.95 -9.61 -32.67
N ASP C 33 -7.88 -10.13 -32.09
CA ASP C 33 -7.15 -11.24 -32.71
C ASP C 33 -6.71 -12.19 -31.60
N ASP C 34 -5.75 -13.07 -31.91
CA ASP C 34 -5.34 -14.08 -30.94
C ASP C 34 -4.75 -13.48 -29.67
N GLU C 35 -4.23 -12.26 -29.77
CA GLU C 35 -3.47 -11.67 -28.67
C GLU C 35 -4.00 -10.34 -28.15
N SER C 36 -5.12 -9.86 -28.68
CA SER C 36 -5.56 -8.50 -28.33
C SER C 36 -7.04 -8.24 -28.57
N LEU C 37 -7.56 -7.26 -27.85
CA LEU C 37 -8.92 -6.80 -28.02
C LEU C 37 -8.89 -5.29 -28.13
N THR C 38 -9.62 -4.75 -29.11
CA THR C 38 -9.57 -3.33 -29.43
C THR C 38 -10.94 -2.67 -29.27
N ALA C 39 -10.97 -1.52 -28.61
CA ALA C 39 -12.17 -0.71 -28.50
C ALA C 39 -11.83 0.77 -28.67
N SER C 40 -12.81 1.56 -29.09
CA SER C 40 -12.62 2.99 -29.31
C SER C 40 -13.73 3.82 -28.67
N MET C 41 -13.47 5.11 -28.53
CA MET C 41 -14.41 6.03 -27.89
C MET C 41 -14.24 7.39 -28.54
N PRO C 42 -15.35 8.13 -28.72
CA PRO C 42 -15.24 9.47 -29.29
C PRO C 42 -14.61 10.45 -28.32
N VAL C 43 -13.87 11.41 -28.87
CA VAL C 43 -13.39 12.55 -28.10
C VAL C 43 -14.26 13.75 -28.44
N ASP C 44 -15.28 13.99 -27.61
CA ASP C 44 -16.20 15.11 -27.83
C ASP C 44 -16.76 15.63 -26.51
N SER C 45 -17.88 16.36 -26.57
CA SER C 45 -18.44 16.98 -25.38
C SER C 45 -18.82 15.96 -24.30
N ARG C 46 -19.03 14.71 -24.69
CA ARG C 46 -19.36 13.65 -23.72
C ARG C 46 -18.12 13.20 -22.94
N THR C 47 -16.94 13.42 -23.50
CA THR C 47 -15.72 12.87 -22.91
C THR C 47 -14.65 13.93 -22.63
N HIS C 48 -14.93 15.19 -22.98
CA HIS C 48 -14.01 16.28 -22.71
C HIS C 48 -13.98 16.64 -21.22
N GLN C 49 -12.87 17.24 -20.78
CA GLN C 49 -12.84 18.00 -19.53
C GLN C 49 -13.13 19.45 -19.92
N PRO C 50 -13.31 20.35 -18.93
CA PRO C 50 -13.79 21.71 -19.25
C PRO C 50 -12.94 22.53 -20.23
N PHE C 51 -11.69 22.13 -20.48
CA PHE C 51 -10.83 22.92 -21.37
C PHE C 51 -10.72 22.37 -22.79
N GLY C 52 -11.55 21.38 -23.11
CA GLY C 52 -11.65 20.88 -24.47
C GLY C 52 -10.76 19.70 -24.82
N LEU C 53 -10.00 19.20 -23.84
CA LEU C 53 -9.20 17.99 -24.03
C LEU C 53 -9.98 16.77 -23.52
N LEU C 54 -9.63 15.59 -24.02
CA LEU C 54 -10.17 14.35 -23.48
C LEU C 54 -9.85 14.28 -21.99
N HIS C 55 -10.87 14.07 -21.17
CA HIS C 55 -10.71 13.95 -19.71
C HIS C 55 -9.86 12.70 -19.42
N GLY C 56 -8.85 12.83 -18.56
CA GLY C 56 -7.99 11.70 -18.28
C GLY C 56 -8.76 10.53 -17.69
N GLY C 57 -9.82 10.84 -16.95
CA GLY C 57 -10.70 9.81 -16.42
C GLY C 57 -11.47 9.08 -17.49
N ALA C 58 -11.80 9.79 -18.58
CA ALA C 58 -12.50 9.15 -19.70
C ALA C 58 -11.61 8.10 -20.37
N SER C 59 -10.32 8.39 -20.52
CA SER C 59 -9.37 7.38 -20.98
C SER C 59 -9.40 6.14 -20.09
N VAL C 60 -9.48 6.36 -18.77
CA VAL C 60 -9.53 5.23 -17.85
C VAL C 60 -10.86 4.46 -17.90
N VAL C 61 -11.96 5.14 -18.14
CA VAL C 61 -13.23 4.45 -18.37
C VAL C 61 -13.09 3.51 -19.58
N LEU C 62 -12.53 4.02 -20.68
CA LEU C 62 -12.31 3.16 -21.85
C LEU C 62 -11.41 1.97 -21.50
N ALA C 63 -10.31 2.24 -20.81
CA ALA C 63 -9.35 1.21 -20.45
C ALA C 63 -9.97 0.15 -19.54
N GLU C 64 -10.69 0.58 -18.51
CA GLU C 64 -11.30 -0.38 -17.61
C GLU C 64 -12.46 -1.16 -18.25
N SER C 65 -13.27 -0.52 -19.10
CA SER C 65 -14.29 -1.22 -19.89
C SER C 65 -13.66 -2.31 -20.75
N LEU C 66 -12.60 -1.95 -21.45
CA LEU C 66 -11.93 -2.87 -22.36
C LEU C 66 -11.28 -4.03 -21.63
N GLY C 67 -10.50 -3.72 -20.60
CA GLY C 67 -9.78 -4.73 -19.85
C GLY C 67 -10.72 -5.64 -19.07
N SER C 68 -11.83 -5.09 -18.57
CA SER C 68 -12.78 -5.91 -17.83
C SER C 68 -13.47 -6.91 -18.75
N MET C 69 -13.82 -6.45 -19.95
CA MET C 69 -14.42 -7.32 -20.96
C MET C 69 -13.43 -8.38 -21.40
N ALA C 70 -12.18 -7.98 -21.60
CA ALA C 70 -11.13 -8.93 -21.93
C ALA C 70 -11.03 -10.03 -20.88
N SER C 71 -11.16 -9.68 -19.60
CA SER C 71 -11.11 -10.67 -18.54
C SER C 71 -12.27 -11.65 -18.60
N TYR C 72 -13.47 -11.12 -18.81
CA TYR C 72 -14.65 -11.96 -18.92
C TYR C 72 -14.53 -12.97 -20.07
N LEU C 73 -13.82 -12.59 -21.13
CA LEU C 73 -13.60 -13.47 -22.28
C LEU C 73 -12.58 -14.57 -22.00
N CYS C 74 -11.89 -14.47 -20.88
CA CYS C 74 -10.84 -15.41 -20.54
C CYS C 74 -11.26 -16.36 -19.42
N VAL C 75 -12.48 -16.21 -18.93
CA VAL C 75 -12.99 -17.08 -17.88
C VAL C 75 -14.36 -17.66 -18.25
N ASP C 76 -14.69 -18.77 -17.62
CA ASP C 76 -16.02 -19.36 -17.75
C ASP C 76 -17.00 -18.48 -16.98
N THR C 77 -17.78 -17.68 -17.69
CA THR C 77 -18.65 -16.68 -17.03
C THR C 77 -19.87 -17.29 -16.34
N SER C 78 -20.00 -18.61 -16.38
CA SER C 78 -21.06 -19.25 -15.62
C SER C 78 -20.50 -19.79 -14.30
N GLN C 79 -19.21 -19.55 -14.07
CA GLN C 79 -18.55 -20.00 -12.84
C GLN C 79 -17.76 -18.87 -12.15
N TYR C 80 -17.40 -17.84 -12.89
CA TYR C 80 -16.64 -16.72 -12.34
C TYR C 80 -17.14 -15.38 -12.83
N TYR C 81 -16.90 -14.34 -12.03
CA TYR C 81 -17.06 -12.97 -12.52
C TYR C 81 -15.77 -12.24 -12.25
N CYS C 82 -15.61 -11.06 -12.82
CA CYS C 82 -14.36 -10.30 -12.73
C CYS C 82 -14.67 -8.86 -12.33
N VAL C 83 -13.87 -8.32 -11.41
CA VAL C 83 -14.05 -6.92 -11.05
C VAL C 83 -12.69 -6.23 -10.98
N GLY C 84 -12.69 -4.94 -11.27
CA GLY C 84 -11.46 -4.17 -11.22
C GLY C 84 -10.96 -4.11 -9.78
N LEU C 85 -9.67 -4.35 -9.62
CA LEU C 85 -9.01 -4.31 -8.31
C LEU C 85 -8.12 -3.05 -8.22
N GLU C 86 -7.29 -2.83 -9.22
CA GLU C 86 -6.38 -1.69 -9.24
C GLU C 86 -6.24 -1.23 -10.68
N VAL C 87 -6.21 0.07 -10.89
CA VAL C 87 -5.99 0.61 -12.24
C VAL C 87 -5.00 1.77 -12.16
N ASN C 88 -4.13 1.88 -13.16
CA ASN C 88 -3.24 3.03 -13.20
C ASN C 88 -3.04 3.48 -14.64
N ALA C 89 -2.62 4.73 -14.81
CA ALA C 89 -2.47 5.25 -16.16
C ALA C 89 -1.55 6.45 -16.20
N ASN C 90 -0.72 6.52 -17.24
CA ASN C 90 0.03 7.72 -17.57
C ASN C 90 -0.64 8.41 -18.74
N HIS C 91 -0.85 9.72 -18.59
CA HIS C 91 -1.44 10.54 -19.63
C HIS C 91 -0.33 11.16 -20.45
N LEU C 92 -0.26 10.78 -21.73
CA LEU C 92 0.93 11.05 -22.52
C LEU C 92 0.76 12.25 -23.44
N ARG C 93 -0.39 12.34 -24.08
CA ARG C 93 -0.72 13.43 -24.99
C ARG C 93 -2.18 13.79 -24.88
N GLY C 94 -2.49 15.07 -25.03
CA GLY C 94 -3.87 15.50 -25.06
C GLY C 94 -4.53 15.18 -26.39
N LEU C 95 -5.82 14.91 -26.35
CA LEU C 95 -6.61 14.74 -27.57
C LEU C 95 -7.80 15.68 -27.50
N ARG C 96 -8.21 16.21 -28.64
CA ARG C 96 -9.31 17.18 -28.66
C ARG C 96 -10.50 16.73 -29.48
N SER C 97 -10.26 15.89 -30.48
CA SER C 97 -11.34 15.47 -31.36
C SER C 97 -11.03 14.12 -31.98
N GLY C 98 -11.96 13.62 -32.79
CA GLY C 98 -11.81 12.31 -33.39
C GLY C 98 -12.16 11.23 -32.39
N ARG C 99 -11.46 10.11 -32.44
CA ARG C 99 -11.69 9.03 -31.49
C ARG C 99 -10.41 8.60 -30.81
N VAL C 100 -10.54 8.03 -29.62
CA VAL C 100 -9.40 7.47 -28.96
C VAL C 100 -9.57 5.95 -29.03
N THR C 101 -8.52 5.25 -29.43
CA THR C 101 -8.56 3.81 -29.62
C THR C 101 -7.68 3.09 -28.60
N ALA C 102 -8.26 2.11 -27.91
CA ALA C 102 -7.53 1.36 -26.89
C ALA C 102 -7.31 -0.09 -27.32
N VAL C 103 -6.12 -0.59 -27.09
CA VAL C 103 -5.80 -2.00 -27.35
C VAL C 103 -5.32 -2.69 -26.09
N ALA C 104 -5.97 -3.80 -25.74
CA ALA C 104 -5.65 -4.54 -24.53
C ALA C 104 -4.89 -5.82 -24.88
N ARG C 105 -3.75 -6.02 -24.23
CA ARG C 105 -2.99 -7.26 -24.36
C ARG C 105 -2.72 -7.84 -22.99
N ALA C 106 -2.69 -9.17 -22.88
CA ALA C 106 -2.48 -9.81 -21.58
C ALA C 106 -1.04 -9.78 -21.12
N ILE C 107 -0.83 -9.44 -19.85
CA ILE C 107 0.47 -9.56 -19.22
C ILE C 107 0.50 -10.85 -18.43
N HIS C 108 -0.60 -11.10 -17.71
CA HIS C 108 -0.70 -12.26 -16.83
C HIS C 108 -2.15 -12.69 -16.68
N LEU C 109 -2.44 -13.96 -16.92
CA LEU C 109 -3.78 -14.47 -16.66
C LEU C 109 -3.65 -15.59 -15.64
N GLY C 110 -3.93 -15.26 -14.39
CA GLY C 110 -3.86 -16.24 -13.32
C GLY C 110 -5.23 -16.74 -12.91
N ARG C 111 -5.25 -17.59 -11.89
CA ARG C 111 -6.50 -18.12 -11.36
C ARG C 111 -7.34 -17.04 -10.69
N THR C 112 -6.66 -16.20 -9.92
CA THR C 112 -7.35 -15.22 -9.09
C THR C 112 -7.19 -13.78 -9.56
N THR C 113 -6.17 -13.53 -10.38
CA THR C 113 -5.93 -12.18 -10.91
C THR C 113 -5.57 -12.19 -12.39
N HIS C 114 -5.97 -11.14 -13.10
CA HIS C 114 -5.50 -10.90 -14.47
C HIS C 114 -4.80 -9.55 -14.49
N VAL C 115 -3.80 -9.38 -15.36
CA VAL C 115 -3.15 -8.08 -15.51
C VAL C 115 -3.16 -7.77 -16.99
N TRP C 116 -3.71 -6.61 -17.35
CA TRP C 116 -3.86 -6.19 -18.74
C TRP C 116 -3.03 -4.95 -19.04
N ASP C 117 -2.39 -4.97 -20.22
CA ASP C 117 -1.66 -3.81 -20.71
C ASP C 117 -2.54 -3.14 -21.74
N ILE C 118 -2.83 -1.85 -21.55
CA ILE C 118 -3.80 -1.18 -22.40
C ILE C 118 -3.18 0.09 -22.99
N ARG C 119 -3.09 0.13 -24.32
CA ARG C 119 -2.46 1.26 -25.00
C ARG C 119 -3.49 2.08 -25.75
N LEU C 120 -3.51 3.38 -25.49
CA LEU C 120 -4.46 4.28 -26.13
C LEU C 120 -3.73 5.22 -27.08
N SER C 121 -4.35 5.52 -28.22
CA SER C 121 -3.77 6.47 -29.17
C SER C 121 -4.89 7.23 -29.86
N GLY C 122 -4.57 8.42 -30.37
CA GLY C 122 -5.53 9.21 -31.10
C GLY C 122 -5.57 8.80 -32.56
N ASP C 123 -6.36 9.51 -33.35
CA ASP C 123 -6.51 9.16 -34.77
C ASP C 123 -5.22 9.34 -35.58
N ASP C 124 -4.24 10.04 -35.03
CA ASP C 124 -2.92 10.16 -35.67
C ASP C 124 -2.03 8.97 -35.31
N GLY C 125 -2.56 8.04 -34.53
CA GLY C 125 -1.81 6.85 -34.16
C GLY C 125 -0.74 7.04 -33.09
N LYS C 126 -0.58 8.28 -32.61
CA LYS C 126 0.41 8.54 -31.58
C LYS C 126 -0.13 8.20 -30.19
N PRO C 127 0.69 7.52 -29.36
CA PRO C 127 0.28 7.13 -28.00
C PRO C 127 -0.24 8.33 -27.20
N SER C 128 -1.46 8.21 -26.66
CA SER C 128 -2.04 9.30 -25.88
C SER C 128 -2.09 8.95 -24.39
N CYS C 129 -2.20 7.66 -24.10
CA CYS C 129 -2.32 7.18 -22.73
C CYS C 129 -1.84 5.73 -22.66
N ILE C 130 -1.24 5.36 -21.54
CA ILE C 130 -1.01 3.93 -21.27
C ILE C 130 -1.60 3.59 -19.92
N ALA C 131 -2.32 2.46 -19.84
CA ALA C 131 -2.96 2.05 -18.60
C ALA C 131 -2.57 0.62 -18.27
N ARG C 132 -2.57 0.27 -16.98
CA ARG C 132 -2.43 -1.14 -16.61
C ARG C 132 -3.54 -1.45 -15.64
N LEU C 133 -4.19 -2.60 -15.84
CA LEU C 133 -5.40 -2.91 -15.11
C LEU C 133 -5.23 -4.27 -14.44
N THR C 134 -5.53 -4.32 -13.15
CA THR C 134 -5.50 -5.57 -12.41
C THR C 134 -6.93 -5.97 -12.09
N MET C 135 -7.32 -7.18 -12.53
CA MET C 135 -8.68 -7.66 -12.29
C MET C 135 -8.66 -8.79 -11.28
N ALA C 136 -9.66 -8.79 -10.41
CA ALA C 136 -9.89 -9.91 -9.49
C ALA C 136 -10.89 -10.88 -10.13
N VAL C 137 -10.56 -12.16 -10.11
CA VAL C 137 -11.43 -13.21 -10.62
C VAL C 137 -12.08 -13.90 -9.43
N VAL C 138 -13.41 -13.86 -9.38
CA VAL C 138 -14.15 -14.30 -8.20
C VAL C 138 -15.21 -15.34 -8.54
N PRO C 139 -15.21 -16.48 -7.82
CA PRO C 139 -16.23 -17.51 -8.03
C PRO C 139 -17.65 -17.00 -7.76
N LEU C 140 -18.60 -17.42 -8.58
CA LEU C 140 -19.99 -17.03 -8.40
C LEU C 140 -20.59 -17.72 -7.16
N SER D 2 -6.45 28.37 2.15
CA SER D 2 -5.09 28.21 2.65
C SER D 2 -4.17 27.43 1.73
N LEU D 3 -4.64 26.28 1.21
CA LEU D 3 -3.96 25.68 0.06
C LEU D 3 -4.22 26.58 -1.12
N TRP D 4 -5.40 27.21 -1.10
CA TRP D 4 -5.95 27.87 -2.27
C TRP D 4 -5.34 29.25 -2.50
N ARG D 5 -5.10 29.55 -3.76
CA ARG D 5 -4.60 30.87 -4.15
C ARG D 5 -5.71 31.90 -4.10
N GLN D 6 -6.93 31.46 -4.41
CA GLN D 6 -8.12 32.27 -4.24
C GLN D 6 -9.23 31.39 -3.66
N THR D 7 -10.22 32.00 -3.04
CA THR D 7 -11.36 31.25 -2.49
C THR D 7 -12.02 30.47 -3.60
N PRO D 8 -12.20 29.15 -3.39
CA PRO D 8 -12.97 28.37 -4.36
C PRO D 8 -14.39 28.88 -4.44
N ASP D 9 -14.95 28.89 -5.64
CA ASP D 9 -16.35 29.20 -5.87
C ASP D 9 -16.97 27.91 -6.39
N LEU D 10 -17.64 27.17 -5.51
CA LEU D 10 -18.17 25.85 -5.88
C LEU D 10 -19.19 25.96 -6.99
N GLU D 11 -20.01 27.00 -6.97
CA GLU D 11 -20.96 27.20 -8.06
C GLU D 11 -20.24 27.33 -9.39
N GLN D 12 -19.19 28.15 -9.41
CA GLN D 12 -18.41 28.36 -10.63
C GLN D 12 -17.73 27.07 -11.09
N LEU D 13 -17.16 26.31 -10.17
CA LEU D 13 -16.59 25.00 -10.55
C LEU D 13 -17.64 24.10 -11.22
N ASN D 14 -18.85 24.08 -10.68
CA ASN D 14 -19.91 23.24 -11.22
C ASN D 14 -20.37 23.72 -12.60
N ALA D 15 -20.56 25.02 -12.74
CA ALA D 15 -21.04 25.60 -13.99
C ALA D 15 -20.04 25.44 -15.12
N SER D 16 -18.75 25.43 -14.78
CA SER D 16 -17.68 25.38 -15.78
C SER D 16 -17.61 24.02 -16.46
N GLN D 17 -18.34 23.04 -15.92
CA GLN D 17 -18.35 21.68 -16.47
C GLN D 17 -19.29 21.54 -17.66
N LYS D 18 -19.97 22.63 -18.02
CA LYS D 18 -20.90 22.59 -19.14
C LYS D 18 -20.23 22.03 -20.38
N ASN D 19 -20.92 21.10 -21.05
CA ASN D 19 -20.40 20.43 -22.25
C ASN D 19 -19.12 19.65 -22.03
N SER D 20 -19.03 19.01 -20.88
CA SER D 20 -17.91 18.14 -20.58
C SER D 20 -18.44 16.93 -19.80
N ILE D 21 -17.60 15.91 -19.65
CA ILE D 21 -18.01 14.66 -19.04
C ILE D 21 -18.52 14.87 -17.60
N GLY D 22 -17.92 15.82 -16.90
CA GLY D 22 -18.31 16.15 -15.53
C GLY D 22 -19.79 16.52 -15.41
N ASP D 23 -20.30 17.27 -16.38
CA ASP D 23 -21.72 17.63 -16.36
C ASP D 23 -22.55 16.42 -16.73
N LEU D 24 -22.09 15.69 -17.75
CA LEU D 24 -22.80 14.51 -18.24
C LEU D 24 -23.01 13.48 -17.14
N LEU D 25 -21.99 13.29 -16.29
CA LEU D 25 -22.05 12.27 -15.25
C LEU D 25 -22.60 12.77 -13.91
N GLY D 26 -22.93 14.05 -13.82
CA GLY D 26 -23.50 14.57 -12.60
C GLY D 26 -22.48 14.81 -11.50
N ILE D 27 -21.21 14.93 -11.88
CA ILE D 27 -20.16 15.30 -10.94
C ILE D 27 -20.43 16.69 -10.34
N ARG D 28 -20.38 16.77 -9.02
CA ARG D 28 -20.74 18.01 -8.36
C ARG D 28 -19.75 18.39 -7.27
N PHE D 29 -19.18 19.58 -7.35
CA PHE D 29 -18.34 20.11 -6.28
C PHE D 29 -19.23 20.51 -5.11
N GLU D 30 -18.91 19.97 -3.94
CA GLU D 30 -19.80 19.97 -2.76
C GLU D 30 -19.32 20.84 -1.61
N ALA D 31 -18.01 20.90 -1.38
CA ALA D 31 -17.51 21.55 -0.18
C ALA D 31 -16.01 21.82 -0.33
N PHE D 32 -15.49 22.74 0.47
CA PHE D 32 -14.04 22.93 0.60
C PHE D 32 -13.74 23.44 1.99
N ASP D 33 -12.51 23.24 2.45
CA ASP D 33 -12.04 23.93 3.64
C ASP D 33 -10.61 24.31 3.37
N ASP D 34 -9.83 24.62 4.41
CA ASP D 34 -8.47 25.10 4.19
C ASP D 34 -7.54 24.02 3.63
N GLU D 35 -7.91 22.75 3.83
CA GLU D 35 -7.01 21.64 3.51
C GLU D 35 -7.57 20.67 2.48
N SER D 36 -8.79 20.89 1.98
CA SER D 36 -9.43 19.86 1.17
C SER D 36 -10.52 20.40 0.25
N LEU D 37 -10.84 19.61 -0.77
CA LEU D 37 -11.93 19.92 -1.70
C LEU D 37 -12.71 18.62 -1.88
N THR D 38 -14.03 18.73 -1.95
CA THR D 38 -14.92 17.58 -1.96
C THR D 38 -15.88 17.66 -3.14
N ALA D 39 -16.08 16.53 -3.83
CA ALA D 39 -17.06 16.45 -4.90
C ALA D 39 -17.73 15.09 -4.86
N SER D 40 -18.93 14.98 -5.43
CA SER D 40 -19.65 13.71 -5.44
C SER D 40 -20.19 13.42 -6.83
N MET D 41 -20.67 12.20 -7.02
CA MET D 41 -21.12 11.73 -8.33
C MET D 41 -22.22 10.72 -8.09
N PRO D 42 -23.30 10.78 -8.87
CA PRO D 42 -24.34 9.77 -8.67
C PRO D 42 -23.87 8.39 -9.09
N VAL D 43 -24.37 7.36 -8.41
CA VAL D 43 -24.21 6.00 -8.87
C VAL D 43 -25.53 5.55 -9.49
N ASP D 44 -25.65 5.74 -10.81
CA ASP D 44 -26.86 5.34 -11.52
C ASP D 44 -26.52 4.86 -12.94
N SER D 45 -27.50 4.78 -13.83
CA SER D 45 -27.26 4.24 -15.17
C SER D 45 -26.18 5.00 -15.95
N ARG D 46 -26.00 6.29 -15.63
CA ARG D 46 -24.95 7.09 -16.26
C ARG D 46 -23.56 6.61 -15.89
N THR D 47 -23.42 6.04 -14.70
CA THR D 47 -22.09 5.70 -14.18
C THR D 47 -21.89 4.20 -13.89
N HIS D 48 -22.93 3.39 -14.08
CA HIS D 48 -22.81 1.94 -13.92
C HIS D 48 -22.00 1.30 -15.03
N GLN D 49 -21.34 0.19 -14.70
CA GLN D 49 -20.85 -0.76 -15.69
C GLN D 49 -22.04 -1.71 -15.98
N PRO D 50 -21.90 -2.62 -16.96
CA PRO D 50 -23.09 -3.38 -17.34
C PRO D 50 -23.71 -4.34 -16.30
N PHE D 51 -23.08 -4.49 -15.14
CA PHE D 51 -23.61 -5.40 -14.12
C PHE D 51 -24.18 -4.69 -12.91
N GLY D 52 -24.42 -3.39 -13.05
CA GLY D 52 -25.16 -2.63 -12.06
C GLY D 52 -24.32 -1.97 -10.97
N LEU D 53 -23.00 -2.16 -11.03
CA LEU D 53 -22.09 -1.54 -10.06
C LEU D 53 -21.51 -0.27 -10.66
N LEU D 54 -21.05 0.65 -9.82
CA LEU D 54 -20.30 1.80 -10.29
C LEU D 54 -19.08 1.38 -11.12
N HIS D 55 -18.95 1.91 -12.33
CA HIS D 55 -17.81 1.60 -13.19
C HIS D 55 -16.54 2.13 -12.51
N GLY D 56 -15.49 1.31 -12.45
CA GLY D 56 -14.24 1.71 -11.80
C GLY D 56 -13.65 2.94 -12.45
N GLY D 57 -13.86 3.07 -13.75
CA GLY D 57 -13.40 4.24 -14.48
C GLY D 57 -14.13 5.51 -14.09
N ALA D 58 -15.41 5.38 -13.74
CA ALA D 58 -16.21 6.54 -13.34
C ALA D 58 -15.65 7.10 -12.02
N SER D 59 -15.25 6.23 -11.10
CA SER D 59 -14.58 6.69 -9.90
C SER D 59 -13.36 7.52 -10.25
N VAL D 60 -12.63 7.09 -11.28
CA VAL D 60 -11.42 7.81 -11.67
C VAL D 60 -11.76 9.13 -12.34
N VAL D 61 -12.84 9.17 -13.10
CA VAL D 61 -13.32 10.46 -13.63
C VAL D 61 -13.58 11.45 -12.49
N LEU D 62 -14.30 11.02 -11.47
CA LEU D 62 -14.55 11.88 -10.30
C LEU D 62 -13.25 12.31 -9.66
N ALA D 63 -12.34 11.37 -9.43
CA ALA D 63 -11.06 11.69 -8.79
C ALA D 63 -10.24 12.69 -9.62
N GLU D 64 -10.22 12.48 -10.95
CA GLU D 64 -9.40 13.36 -11.76
C GLU D 64 -10.03 14.75 -11.93
N SER D 65 -11.36 14.82 -12.02
CA SER D 65 -12.04 16.12 -12.01
C SER D 65 -11.70 16.88 -10.75
N LEU D 66 -11.82 16.20 -9.62
CA LEU D 66 -11.65 16.84 -8.32
C LEU D 66 -10.21 17.30 -8.13
N GLY D 67 -9.26 16.40 -8.34
CA GLY D 67 -7.85 16.72 -8.17
C GLY D 67 -7.36 17.79 -9.14
N SER D 68 -7.82 17.71 -10.38
CA SER D 68 -7.40 18.69 -11.38
C SER D 68 -7.87 20.08 -11.00
N MET D 69 -9.12 20.19 -10.56
CA MET D 69 -9.64 21.48 -10.11
C MET D 69 -8.91 21.99 -8.87
N ALA D 70 -8.60 21.09 -7.95
CA ALA D 70 -7.83 21.44 -6.77
C ALA D 70 -6.48 22.04 -7.19
N SER D 71 -5.81 21.42 -8.17
CA SER D 71 -4.56 21.98 -8.67
C SER D 71 -4.74 23.37 -9.27
N TYR D 72 -5.78 23.56 -10.08
CA TYR D 72 -6.05 24.89 -10.64
C TYR D 72 -6.21 25.95 -9.58
N LEU D 73 -6.85 25.58 -8.48
CA LEU D 73 -7.12 26.52 -7.39
C LEU D 73 -5.87 26.85 -6.57
N CYS D 74 -4.76 26.15 -6.84
CA CYS D 74 -3.53 26.33 -6.08
C CYS D 74 -2.45 27.08 -6.84
N VAL D 75 -2.68 27.37 -8.12
CA VAL D 75 -1.66 28.04 -8.89
C VAL D 75 -2.10 29.39 -9.40
N ASP D 76 -1.13 30.19 -9.83
CA ASP D 76 -1.38 31.42 -10.57
C ASP D 76 -1.84 31.04 -11.96
N THR D 77 -3.15 31.07 -12.17
CA THR D 77 -3.71 30.63 -13.44
C THR D 77 -3.47 31.63 -14.56
N SER D 78 -2.89 32.78 -14.23
CA SER D 78 -2.48 33.75 -15.25
C SER D 78 -1.13 33.35 -15.83
N GLN D 79 -0.50 32.36 -15.22
CA GLN D 79 0.85 31.97 -15.61
C GLN D 79 0.99 30.47 -15.88
N TYR D 80 0.23 29.65 -15.16
CA TYR D 80 0.35 28.21 -15.26
C TYR D 80 -0.99 27.53 -15.52
N TYR D 81 -0.94 26.37 -16.16
CA TYR D 81 -2.08 25.46 -16.18
C TYR D 81 -1.64 24.09 -15.66
N CYS D 82 -2.61 23.23 -15.40
CA CYS D 82 -2.32 21.95 -14.75
C CYS D 82 -2.94 20.82 -15.57
N VAL D 83 -2.16 19.79 -15.87
CA VAL D 83 -2.71 18.64 -16.57
C VAL D 83 -2.42 17.35 -15.82
N GLY D 84 -3.34 16.41 -15.92
CA GLY D 84 -3.13 15.09 -15.32
C GLY D 84 -1.94 14.40 -15.95
N LEU D 85 -1.07 13.84 -15.11
CA LEU D 85 0.14 13.18 -15.58
C LEU D 85 0.06 11.68 -15.31
N GLU D 86 -0.27 11.30 -14.07
CA GLU D 86 -0.40 9.89 -13.74
C GLU D 86 -1.52 9.77 -12.72
N VAL D 87 -2.31 8.70 -12.83
CA VAL D 87 -3.38 8.47 -11.85
C VAL D 87 -3.41 6.99 -11.51
N ASN D 88 -3.75 6.65 -10.28
CA ASN D 88 -3.90 5.24 -9.93
C ASN D 88 -5.01 5.13 -8.91
N ALA D 89 -5.62 3.94 -8.80
CA ALA D 89 -6.73 3.76 -7.87
C ALA D 89 -6.85 2.30 -7.49
N ASN D 90 -7.17 2.04 -6.22
CA ASN D 90 -7.63 0.72 -5.79
C ASN D 90 -9.13 0.76 -5.59
N HIS D 91 -9.83 -0.19 -6.21
CA HIS D 91 -11.26 -0.32 -6.04
C HIS D 91 -11.51 -1.25 -4.86
N LEU D 92 -12.13 -0.71 -3.80
CA LEU D 92 -12.16 -1.40 -2.51
C LEU D 92 -13.45 -2.14 -2.24
N ARG D 93 -14.57 -1.54 -2.63
CA ARG D 93 -15.86 -2.22 -2.60
C ARG D 93 -16.78 -1.66 -3.68
N GLY D 94 -17.74 -2.48 -4.11
CA GLY D 94 -18.68 -2.05 -5.13
C GLY D 94 -19.78 -1.15 -4.60
N LEU D 95 -20.23 -0.23 -5.45
CA LEU D 95 -21.38 0.60 -5.10
C LEU D 95 -22.46 0.36 -6.15
N ARG D 96 -23.71 0.28 -5.70
CA ARG D 96 -24.83 0.07 -6.62
C ARG D 96 -25.73 1.29 -6.75
N SER D 97 -25.84 2.07 -5.69
CA SER D 97 -26.80 3.16 -5.69
C SER D 97 -26.31 4.31 -4.84
N GLY D 98 -27.07 5.40 -4.83
CA GLY D 98 -26.70 6.58 -4.05
C GLY D 98 -25.66 7.40 -4.77
N ARG D 99 -24.75 7.99 -4.01
CA ARG D 99 -23.68 8.75 -4.62
C ARG D 99 -22.35 8.25 -4.10
N VAL D 100 -21.29 8.55 -4.84
CA VAL D 100 -19.93 8.34 -4.36
C VAL D 100 -19.34 9.72 -4.07
N THR D 101 -18.69 9.89 -2.92
CA THR D 101 -18.16 11.19 -2.52
C THR D 101 -16.65 11.11 -2.40
N ALA D 102 -15.97 12.06 -3.04
CA ALA D 102 -14.52 12.06 -3.11
C ALA D 102 -13.97 13.26 -2.35
N VAL D 103 -12.94 13.05 -1.53
CA VAL D 103 -12.28 14.14 -0.83
C VAL D 103 -10.81 14.17 -1.22
N ALA D 104 -10.35 15.33 -1.71
CA ALA D 104 -8.95 15.51 -2.09
C ALA D 104 -8.16 16.28 -1.06
N ARG D 105 -7.00 15.75 -0.68
CA ARG D 105 -6.06 16.39 0.22
C ARG D 105 -4.69 16.44 -0.45
N ALA D 106 -3.92 17.49 -0.20
CA ALA D 106 -2.62 17.60 -0.88
C ALA D 106 -1.56 16.75 -0.20
N ILE D 107 -0.85 15.97 -0.99
CA ILE D 107 0.32 15.27 -0.50
C ILE D 107 1.57 16.12 -0.76
N HIS D 108 1.60 16.76 -1.92
CA HIS D 108 2.76 17.54 -2.34
C HIS D 108 2.33 18.60 -3.34
N LEU D 109 2.70 19.85 -3.06
CA LEU D 109 2.46 20.92 -4.01
C LEU D 109 3.79 21.56 -4.38
N GLY D 110 4.38 21.08 -5.47
CA GLY D 110 5.66 21.59 -5.91
C GLY D 110 5.53 22.58 -7.06
N ARG D 111 6.68 23.04 -7.56
CA ARG D 111 6.68 23.98 -8.67
C ARG D 111 6.25 23.34 -9.99
N THR D 112 6.60 22.07 -10.19
CA THR D 112 6.32 21.40 -11.46
C THR D 112 5.34 20.23 -11.37
N THR D 113 5.06 19.77 -10.14
CA THR D 113 4.12 18.66 -9.97
C THR D 113 3.30 18.87 -8.70
N HIS D 114 2.07 18.37 -8.72
CA HIS D 114 1.23 18.28 -7.52
C HIS D 114 0.87 16.82 -7.33
N VAL D 115 0.76 16.37 -6.08
CA VAL D 115 0.26 15.02 -5.81
C VAL D 115 -0.93 15.12 -4.86
N TRP D 116 -2.06 14.53 -5.24
CA TRP D 116 -3.29 14.55 -4.45
C TRP D 116 -3.69 13.17 -4.00
N ASP D 117 -4.10 13.10 -2.73
CA ASP D 117 -4.64 11.92 -2.08
C ASP D 117 -6.16 12.05 -2.14
N ILE D 118 -6.81 11.11 -2.81
CA ILE D 118 -8.24 11.24 -3.07
C ILE D 118 -8.99 10.04 -2.56
N ARG D 119 -9.82 10.26 -1.54
CA ARG D 119 -10.53 9.17 -0.88
C ARG D 119 -12.00 9.18 -1.28
N LEU D 120 -12.51 8.05 -1.75
CA LEU D 120 -13.91 7.94 -2.19
C LEU D 120 -14.69 7.02 -1.25
N SER D 121 -15.94 7.41 -0.96
CA SER D 121 -16.82 6.57 -0.14
C SER D 121 -18.25 6.54 -0.65
N GLY D 122 -18.96 5.46 -0.32
CA GLY D 122 -20.38 5.38 -0.58
C GLY D 122 -21.16 6.15 0.47
N ASP D 123 -22.47 6.20 0.30
CA ASP D 123 -23.31 6.97 1.21
C ASP D 123 -23.29 6.46 2.65
N ASP D 124 -22.91 5.20 2.85
CA ASP D 124 -22.83 4.67 4.22
C ASP D 124 -21.53 5.07 4.92
N GLY D 125 -20.68 5.79 4.18
CA GLY D 125 -19.47 6.36 4.74
C GLY D 125 -18.26 5.46 4.63
N LYS D 126 -18.44 4.21 4.25
CA LYS D 126 -17.31 3.28 4.15
C LYS D 126 -16.52 3.52 2.88
N PRO D 127 -15.18 3.45 2.95
CA PRO D 127 -14.36 3.69 1.75
C PRO D 127 -14.75 2.76 0.59
N SER D 128 -14.78 3.30 -0.63
CA SER D 128 -15.12 2.51 -1.80
C SER D 128 -13.96 2.48 -2.81
N CYS D 129 -13.12 3.51 -2.79
CA CYS D 129 -11.98 3.59 -3.70
C CYS D 129 -10.98 4.56 -3.11
N ILE D 130 -9.70 4.34 -3.38
CA ILE D 130 -8.67 5.30 -3.01
C ILE D 130 -7.83 5.54 -4.25
N ALA D 131 -7.59 6.81 -4.56
CA ALA D 131 -6.86 7.17 -5.75
C ALA D 131 -5.74 8.10 -5.40
N ARG D 132 -4.69 8.08 -6.23
CA ARG D 132 -3.66 9.08 -6.08
C ARG D 132 -3.44 9.70 -7.45
N LEU D 133 -3.35 11.03 -7.47
CA LEU D 133 -3.25 11.75 -8.73
C LEU D 133 -2.01 12.64 -8.77
N THR D 134 -1.23 12.51 -9.83
CA THR D 134 -0.06 13.37 -10.01
C THR D 134 -0.39 14.33 -11.15
N MET D 135 -0.28 15.63 -10.89
CA MET D 135 -0.54 16.67 -11.87
C MET D 135 0.79 17.29 -12.28
N ALA D 136 0.90 17.64 -13.57
CA ALA D 136 2.02 18.43 -14.07
C ALA D 136 1.59 19.89 -14.06
N VAL D 137 2.44 20.77 -13.55
CA VAL D 137 2.19 22.20 -13.57
C VAL D 137 2.98 22.78 -14.73
N VAL D 138 2.29 23.37 -15.71
CA VAL D 138 2.94 23.78 -16.95
C VAL D 138 2.83 25.29 -17.13
N PRO D 139 3.96 25.96 -17.41
CA PRO D 139 3.95 27.39 -17.74
C PRO D 139 3.15 27.65 -19.02
N LEU D 140 2.18 28.57 -18.96
CA LEU D 140 1.48 29.03 -20.15
C LEU D 140 2.47 29.62 -21.14
N SER E 2 16.92 8.29 -33.26
CA SER E 2 16.55 7.04 -32.61
C SER E 2 15.96 7.26 -31.22
N LEU E 3 16.16 6.27 -30.37
CA LEU E 3 15.79 6.36 -28.97
C LEU E 3 16.91 7.07 -28.22
N TRP E 4 18.05 6.42 -28.15
CA TRP E 4 19.17 6.93 -27.38
C TRP E 4 19.73 8.18 -28.03
N ARG E 5 20.16 9.13 -27.21
CA ARG E 5 20.76 10.34 -27.74
C ARG E 5 22.11 10.03 -28.37
N GLN E 6 22.93 9.29 -27.63
CA GLN E 6 24.19 8.74 -28.11
C GLN E 6 24.09 7.23 -28.01
N THR E 7 24.88 6.51 -28.80
CA THR E 7 24.97 5.05 -28.68
C THR E 7 25.32 4.67 -27.24
N PRO E 8 24.53 3.76 -26.64
CA PRO E 8 24.81 3.31 -25.27
C PRO E 8 26.13 2.58 -25.16
N ASP E 9 26.82 2.75 -24.03
CA ASP E 9 28.00 1.94 -23.73
C ASP E 9 27.81 1.17 -22.42
N LEU E 10 27.53 -0.12 -22.55
CA LEU E 10 27.25 -1.01 -21.41
C LEU E 10 28.32 -0.96 -20.33
N GLU E 11 29.57 -0.82 -20.75
CA GLU E 11 30.69 -0.82 -19.82
C GLU E 11 30.65 0.42 -18.94
N GLN E 12 30.25 1.54 -19.54
CA GLN E 12 30.11 2.79 -18.83
C GLN E 12 28.98 2.71 -17.80
N LEU E 13 27.86 2.10 -18.21
CA LEU E 13 26.70 1.96 -17.33
C LEU E 13 27.05 1.15 -16.10
N ASN E 14 27.77 0.05 -16.30
CA ASN E 14 28.15 -0.83 -15.19
C ASN E 14 29.11 -0.19 -14.20
N ALA E 15 30.05 0.61 -14.70
CA ALA E 15 31.05 1.24 -13.84
C ALA E 15 30.48 2.40 -13.04
N SER E 16 29.33 2.92 -13.45
CA SER E 16 28.75 4.09 -12.78
C SER E 16 28.00 3.73 -11.49
N GLN E 17 27.93 2.44 -11.17
CA GLN E 17 27.15 1.97 -10.03
C GLN E 17 27.95 1.77 -8.74
N LYS E 18 29.27 1.98 -8.81
CA LYS E 18 30.15 1.77 -7.67
C LYS E 18 29.64 2.55 -6.45
N ASN E 19 29.75 1.95 -5.27
CA ASN E 19 29.29 2.56 -4.02
C ASN E 19 27.80 2.92 -4.00
N SER E 20 26.99 2.12 -4.68
CA SER E 20 25.54 2.37 -4.65
C SER E 20 24.80 1.03 -4.52
N ILE E 21 23.48 1.10 -4.37
CA ILE E 21 22.70 -0.10 -4.17
C ILE E 21 22.79 -1.06 -5.37
N GLY E 22 22.92 -0.52 -6.58
CA GLY E 22 23.08 -1.34 -7.76
C GLY E 22 24.30 -2.25 -7.68
N ASP E 23 25.41 -1.69 -7.20
CA ASP E 23 26.63 -2.46 -6.94
C ASP E 23 26.40 -3.51 -5.85
N LEU E 24 25.71 -3.10 -4.78
CA LEU E 24 25.43 -3.98 -3.64
C LEU E 24 24.64 -5.21 -4.04
N LEU E 25 23.63 -5.02 -4.88
CA LEU E 25 22.71 -6.10 -5.24
C LEU E 25 23.19 -6.86 -6.47
N GLY E 26 24.35 -6.49 -7.00
CA GLY E 26 24.90 -7.18 -8.16
C GLY E 26 24.15 -6.96 -9.46
N ILE E 27 23.57 -5.77 -9.62
CA ILE E 27 22.89 -5.43 -10.86
C ILE E 27 23.88 -5.25 -12.01
N ARG E 28 23.59 -5.86 -13.15
CA ARG E 28 24.45 -5.68 -14.32
C ARG E 28 23.67 -5.38 -15.59
N PHE E 29 24.16 -4.39 -16.35
CA PHE E 29 23.58 -4.06 -17.63
C PHE E 29 24.12 -5.02 -18.69
N GLU E 30 23.21 -5.67 -19.41
CA GLU E 30 23.56 -6.79 -20.30
C GLU E 30 23.63 -6.43 -21.77
N ALA E 31 22.67 -5.65 -22.24
CA ALA E 31 22.48 -5.47 -23.67
C ALA E 31 21.67 -4.23 -24.00
N PHE E 32 21.64 -3.90 -25.29
CA PHE E 32 20.77 -2.84 -25.79
C PHE E 32 20.58 -3.04 -27.27
N ASP E 33 19.50 -2.49 -27.80
CA ASP E 33 19.37 -2.27 -29.24
C ASP E 33 18.76 -0.90 -29.50
N ASP E 34 18.16 -0.72 -30.67
CA ASP E 34 17.57 0.57 -31.04
C ASP E 34 16.35 0.95 -30.19
N GLU E 35 15.77 -0.04 -29.52
CA GLU E 35 14.47 0.16 -28.85
C GLU E 35 14.45 -0.25 -27.38
N SER E 36 15.54 -0.79 -26.86
CA SER E 36 15.51 -1.34 -25.51
C SER E 36 16.87 -1.41 -24.83
N LEU E 37 16.83 -1.50 -23.50
CA LEU E 37 18.02 -1.66 -22.68
C LEU E 37 17.73 -2.78 -21.70
N THR E 38 18.72 -3.64 -21.45
CA THR E 38 18.52 -4.84 -20.64
C THR E 38 19.50 -4.90 -19.45
N ALA E 39 18.97 -5.21 -18.27
CA ALA E 39 19.82 -5.43 -17.11
C ALA E 39 19.29 -6.62 -16.32
N SER E 40 20.15 -7.22 -15.51
CA SER E 40 19.74 -8.36 -14.69
C SER E 40 20.30 -8.27 -13.27
N MET E 41 19.75 -9.10 -12.39
CA MET E 41 20.06 -9.04 -10.96
C MET E 41 19.95 -10.45 -10.39
N PRO E 42 20.87 -10.82 -9.48
CA PRO E 42 20.80 -12.16 -8.88
C PRO E 42 19.65 -12.26 -7.89
N VAL E 43 18.97 -13.40 -7.90
CA VAL E 43 18.01 -13.74 -6.87
C VAL E 43 18.73 -14.60 -5.86
N ASP E 44 19.21 -13.97 -4.78
CA ASP E 44 19.90 -14.68 -3.73
C ASP E 44 19.65 -13.99 -2.39
N SER E 45 20.52 -14.22 -1.41
CA SER E 45 20.29 -13.66 -0.08
C SER E 45 20.33 -12.13 -0.05
N ARG E 46 20.94 -11.52 -1.06
CA ARG E 46 21.02 -10.08 -1.13
C ARG E 46 19.68 -9.46 -1.53
N THR E 47 18.86 -10.23 -2.22
CA THR E 47 17.62 -9.71 -2.83
C THR E 47 16.38 -10.49 -2.43
N HIS E 48 16.53 -11.47 -1.55
CA HIS E 48 15.39 -12.23 -1.07
C HIS E 48 14.59 -11.42 -0.07
N GLN E 49 13.31 -11.75 0.07
CA GLN E 49 12.55 -11.42 1.29
C GLN E 49 12.73 -12.60 2.27
N PRO E 50 12.24 -12.48 3.52
CA PRO E 50 12.59 -13.54 4.49
C PRO E 50 12.06 -14.95 4.20
N PHE E 51 11.15 -15.10 3.23
CA PHE E 51 10.61 -16.42 2.91
C PHE E 51 11.27 -17.07 1.69
N GLY E 52 12.37 -16.48 1.22
CA GLY E 52 13.17 -17.09 0.18
C GLY E 52 12.81 -16.72 -1.24
N LEU E 53 11.81 -15.88 -1.41
CA LEU E 53 11.44 -15.35 -2.73
C LEU E 53 12.14 -14.03 -2.96
N LEU E 54 12.29 -13.63 -4.21
CA LEU E 54 12.76 -12.29 -4.56
C LEU E 54 11.83 -11.26 -3.93
N HIS E 55 12.41 -10.31 -3.20
CA HIS E 55 11.66 -9.23 -2.57
C HIS E 55 11.03 -8.40 -3.69
N GLY E 56 9.75 -8.11 -3.58
CA GLY E 56 9.08 -7.31 -4.59
C GLY E 56 9.71 -5.94 -4.76
N GLY E 57 10.23 -5.39 -3.68
CA GLY E 57 10.94 -4.13 -3.71
C GLY E 57 12.23 -4.26 -4.49
N ALA E 58 12.86 -5.43 -4.41
CA ALA E 58 14.10 -5.65 -5.14
C ALA E 58 13.87 -5.59 -6.65
N SER E 59 12.76 -6.18 -7.10
CA SER E 59 12.34 -6.02 -8.49
C SER E 59 12.23 -4.55 -8.89
N VAL E 60 11.68 -3.72 -8.00
CA VAL E 60 11.51 -2.31 -8.29
C VAL E 60 12.86 -1.57 -8.32
N VAL E 61 13.78 -1.98 -7.45
CA VAL E 61 15.15 -1.45 -7.50
C VAL E 61 15.76 -1.70 -8.89
N LEU E 62 15.66 -2.92 -9.37
CA LEU E 62 16.14 -3.23 -10.73
C LEU E 62 15.45 -2.37 -11.80
N ALA E 63 14.13 -2.27 -11.73
CA ALA E 63 13.37 -1.53 -12.73
C ALA E 63 13.74 -0.04 -12.70
N GLU E 64 13.79 0.52 -11.50
CA GLU E 64 14.11 1.94 -11.39
C GLU E 64 15.57 2.25 -11.75
N SER E 65 16.50 1.34 -11.44
CA SER E 65 17.89 1.49 -11.88
C SER E 65 17.96 1.51 -13.40
N LEU E 66 17.29 0.54 -14.02
CA LEU E 66 17.31 0.40 -15.48
C LEU E 66 16.62 1.56 -16.17
N GLY E 67 15.46 1.96 -15.66
CA GLY E 67 14.68 3.00 -16.31
C GLY E 67 15.34 4.35 -16.13
N SER E 68 15.94 4.58 -14.96
CA SER E 68 16.69 5.82 -14.74
C SER E 68 17.89 5.94 -15.68
N MET E 69 18.63 4.85 -15.84
CA MET E 69 19.78 4.84 -16.74
C MET E 69 19.34 5.07 -18.17
N ALA E 70 18.25 4.42 -18.57
CA ALA E 70 17.70 4.61 -19.91
C ALA E 70 17.37 6.08 -20.14
N SER E 71 16.86 6.76 -19.12
CA SER E 71 16.55 8.17 -19.26
C SER E 71 17.79 9.03 -19.46
N TYR E 72 18.84 8.73 -18.70
CA TYR E 72 20.08 9.48 -18.83
C TYR E 72 20.68 9.32 -20.23
N LEU E 73 20.43 8.16 -20.83
CA LEU E 73 20.90 7.88 -22.19
C LEU E 73 20.10 8.63 -23.26
N CYS E 74 18.98 9.22 -22.86
CA CYS E 74 18.11 9.90 -23.81
C CYS E 74 18.15 11.41 -23.68
N VAL E 75 18.96 11.90 -22.73
CA VAL E 75 19.11 13.35 -22.54
C VAL E 75 20.57 13.75 -22.59
N ASP E 76 20.81 15.04 -22.85
CA ASP E 76 22.15 15.62 -22.73
C ASP E 76 22.43 15.81 -21.25
N THR E 77 23.29 14.96 -20.70
CA THR E 77 23.57 14.95 -19.26
C THR E 77 24.42 16.12 -18.77
N SER E 78 24.82 16.98 -19.70
CA SER E 78 25.51 18.22 -19.33
C SER E 78 24.50 19.35 -19.25
N GLN E 79 23.26 19.08 -19.64
CA GLN E 79 22.17 20.06 -19.57
C GLN E 79 21.06 19.63 -18.62
N TYR E 80 20.82 18.34 -18.52
CA TYR E 80 19.70 17.82 -17.74
C TYR E 80 20.09 16.70 -16.80
N TYR E 81 19.31 16.53 -15.74
CA TYR E 81 19.37 15.29 -14.99
C TYR E 81 17.96 14.70 -14.88
N CYS E 82 17.87 13.45 -14.44
CA CYS E 82 16.59 12.74 -14.41
C CYS E 82 16.39 12.11 -13.05
N VAL E 83 15.22 12.31 -12.47
CA VAL E 83 14.91 11.66 -11.20
C VAL E 83 13.58 10.93 -11.29
N GLY E 84 13.48 9.82 -10.56
CA GLY E 84 12.23 9.08 -10.52
C GLY E 84 11.11 9.93 -9.94
N LEU E 85 9.97 9.94 -10.61
CA LEU E 85 8.79 10.69 -10.16
C LEU E 85 7.70 9.77 -9.59
N GLU E 86 7.35 8.75 -10.36
CA GLU E 86 6.34 7.78 -9.94
C GLU E 86 6.79 6.42 -10.44
N VAL E 87 6.60 5.39 -9.64
CA VAL E 87 6.90 4.04 -10.10
C VAL E 87 5.74 3.13 -9.70
N ASN E 88 5.44 2.13 -10.51
CA ASN E 88 4.43 1.16 -10.09
C ASN E 88 4.78 -0.19 -10.68
N ALA E 89 4.25 -1.25 -10.09
CA ALA E 89 4.62 -2.59 -10.54
C ALA E 89 3.55 -3.60 -10.14
N ASN E 90 3.33 -4.58 -11.02
CA ASN E 90 2.54 -5.75 -10.67
C ASN E 90 3.50 -6.91 -10.51
N HIS E 91 3.36 -7.62 -9.40
CA HIS E 91 4.20 -8.78 -9.12
C HIS E 91 3.45 -10.00 -9.60
N LEU E 92 4.02 -10.67 -10.61
CA LEU E 92 3.30 -11.70 -11.37
C LEU E 92 3.63 -13.11 -10.94
N ARG E 93 4.91 -13.35 -10.65
CA ARG E 93 5.41 -14.67 -10.25
C ARG E 93 6.54 -14.55 -9.26
N GLY E 94 6.61 -15.49 -8.31
CA GLY E 94 7.73 -15.51 -7.38
C GLY E 94 8.98 -16.11 -7.98
N LEU E 95 10.14 -15.62 -7.58
CA LEU E 95 11.41 -16.18 -8.03
C LEU E 95 12.24 -16.53 -6.82
N ARG E 96 12.99 -17.64 -6.91
CA ARG E 96 13.73 -18.14 -5.75
C ARG E 96 15.23 -18.16 -5.96
N SER E 97 15.67 -18.40 -7.18
CA SER E 97 17.09 -18.48 -7.48
C SER E 97 17.40 -18.05 -8.90
N GLY E 98 18.68 -18.01 -9.24
CA GLY E 98 19.10 -17.60 -10.55
C GLY E 98 19.18 -16.09 -10.67
N ARG E 99 18.79 -15.56 -11.81
CA ARG E 99 18.80 -14.11 -12.00
C ARG E 99 17.45 -13.63 -12.53
N VAL E 100 17.12 -12.38 -12.24
CA VAL E 100 15.94 -11.78 -12.80
C VAL E 100 16.40 -10.76 -13.85
N THR E 101 15.81 -10.82 -15.03
CA THR E 101 16.22 -9.95 -16.13
C THR E 101 15.14 -8.95 -16.51
N ALA E 102 15.54 -7.67 -16.58
CA ALA E 102 14.62 -6.60 -16.91
C ALA E 102 14.95 -6.00 -18.27
N VAL E 103 13.90 -5.75 -19.05
CA VAL E 103 14.04 -5.04 -20.32
C VAL E 103 13.19 -3.78 -20.31
N ALA E 104 13.83 -2.63 -20.56
CA ALA E 104 13.14 -1.34 -20.61
C ALA E 104 12.87 -0.90 -22.04
N ARG E 105 11.65 -0.44 -22.31
CA ARG E 105 11.30 0.15 -23.59
C ARG E 105 10.62 1.47 -23.37
N ALA E 106 10.78 2.41 -24.29
CA ALA E 106 10.20 3.74 -24.10
C ALA E 106 8.73 3.76 -24.46
N ILE E 107 7.92 4.39 -23.63
CA ILE E 107 6.52 4.62 -23.96
C ILE E 107 6.38 6.05 -24.45
N HIS E 108 7.11 6.94 -23.78
CA HIS E 108 7.03 8.36 -24.05
C HIS E 108 8.32 9.06 -23.64
N LEU E 109 8.93 9.80 -24.56
CA LEU E 109 10.05 10.64 -24.19
C LEU E 109 9.68 12.08 -24.48
N GLY E 110 9.27 12.79 -23.43
CA GLY E 110 8.90 14.18 -23.57
C GLY E 110 10.02 15.09 -23.12
N ARG E 111 9.78 16.40 -23.18
CA ARG E 111 10.77 17.37 -22.75
C ARG E 111 10.97 17.33 -21.25
N THR E 112 9.88 17.15 -20.51
CA THR E 112 9.94 17.22 -19.05
C THR E 112 9.66 15.89 -18.32
N THR E 113 9.11 14.91 -19.04
CA THR E 113 8.88 13.58 -18.46
C THR E 113 9.22 12.47 -19.44
N HIS E 114 9.67 11.34 -18.90
CA HIS E 114 9.82 10.10 -19.68
C HIS E 114 8.96 9.03 -19.03
N VAL E 115 8.43 8.12 -19.83
CA VAL E 115 7.70 6.97 -19.29
C VAL E 115 8.29 5.72 -19.90
N TRP E 116 8.69 4.78 -19.04
CA TRP E 116 9.34 3.54 -19.46
C TRP E 116 8.50 2.33 -19.11
N ASP E 117 8.45 1.36 -20.03
CA ASP E 117 7.82 0.07 -19.79
C ASP E 117 8.94 -0.91 -19.45
N ILE E 118 8.82 -1.59 -18.32
CA ILE E 118 9.92 -2.46 -17.86
C ILE E 118 9.39 -3.85 -17.54
N ARG E 119 9.88 -4.84 -18.28
CA ARG E 119 9.38 -6.21 -18.15
C ARG E 119 10.45 -7.09 -17.52
N LEU E 120 10.09 -7.78 -16.44
CA LEU E 120 11.03 -8.61 -15.69
C LEU E 120 10.64 -10.07 -15.86
N SER E 121 11.63 -10.94 -15.99
CA SER E 121 11.38 -12.38 -16.12
C SER E 121 12.49 -13.16 -15.46
N GLY E 122 12.16 -14.37 -15.01
CA GLY E 122 13.14 -15.23 -14.40
C GLY E 122 13.89 -15.99 -15.47
N ASP E 123 14.76 -16.90 -15.04
CA ASP E 123 15.62 -17.62 -15.96
C ASP E 123 14.82 -18.52 -16.91
N ASP E 124 13.56 -18.78 -16.56
CA ASP E 124 12.69 -19.59 -17.40
C ASP E 124 11.98 -18.76 -18.49
N GLY E 125 12.24 -17.46 -18.52
CA GLY E 125 11.66 -16.60 -19.54
C GLY E 125 10.25 -16.12 -19.28
N LYS E 126 9.62 -16.68 -18.24
CA LYS E 126 8.25 -16.32 -17.89
C LYS E 126 8.22 -14.98 -17.13
N PRO E 127 7.25 -14.12 -17.45
CA PRO E 127 7.17 -12.79 -16.83
C PRO E 127 7.00 -12.90 -15.32
N SER E 128 7.82 -12.18 -14.56
CA SER E 128 7.77 -12.26 -13.10
C SER E 128 7.26 -10.96 -12.50
N CYS E 129 7.45 -9.87 -13.23
CA CYS E 129 7.05 -8.55 -12.78
C CYS E 129 6.93 -7.62 -13.98
N ILE E 130 5.97 -6.70 -13.94
CA ILE E 130 5.92 -5.61 -14.90
C ILE E 130 5.89 -4.30 -14.14
N ALA E 131 6.73 -3.36 -14.54
CA ALA E 131 6.83 -2.06 -13.89
C ALA E 131 6.61 -0.95 -14.92
N ARG E 132 6.11 0.20 -14.46
CA ARG E 132 6.11 1.37 -15.33
C ARG E 132 6.70 2.51 -14.53
N LEU E 133 7.63 3.25 -15.14
CA LEU E 133 8.38 4.26 -14.42
C LEU E 133 8.21 5.61 -15.10
N THR E 134 7.87 6.63 -14.31
CA THR E 134 7.82 8.00 -14.82
C THR E 134 9.00 8.77 -14.28
N MET E 135 9.81 9.32 -15.16
CA MET E 135 10.97 10.12 -14.78
C MET E 135 10.67 11.59 -15.01
N ALA E 136 11.13 12.44 -14.09
CA ALA E 136 11.13 13.88 -14.32
C ALA E 136 12.45 14.25 -14.96
N VAL E 137 12.40 15.12 -15.97
CA VAL E 137 13.63 15.63 -16.59
C VAL E 137 13.82 17.07 -16.15
N VAL E 138 14.95 17.33 -15.48
CA VAL E 138 15.17 18.60 -14.80
C VAL E 138 16.46 19.28 -15.29
N PRO E 139 16.39 20.59 -15.59
CA PRO E 139 17.59 21.31 -16.04
C PRO E 139 18.62 21.46 -14.91
N LEU E 140 19.90 21.35 -15.24
CA LEU E 140 20.95 21.56 -14.24
C LEU E 140 21.09 23.05 -13.94
N SER F 2 -5.13 -3.38 17.52
CA SER F 2 -6.44 -3.91 17.19
C SER F 2 -6.53 -4.36 15.74
N LEU F 3 -5.58 -3.89 14.93
CA LEU F 3 -5.39 -4.41 13.58
C LEU F 3 -4.86 -5.83 13.68
N TRP F 4 -3.96 -6.03 14.63
CA TRP F 4 -3.14 -7.24 14.68
C TRP F 4 -3.85 -8.45 15.29
N ARG F 5 -3.52 -9.62 14.75
CA ARG F 5 -4.03 -10.89 15.28
C ARG F 5 -3.26 -11.23 16.54
N GLN F 6 -1.94 -11.19 16.42
CA GLN F 6 -1.01 -11.47 17.49
C GLN F 6 -0.30 -10.16 17.77
N THR F 7 0.17 -9.93 18.98
CA THR F 7 0.95 -8.71 19.21
C THR F 7 2.25 -8.82 18.44
N PRO F 8 2.61 -7.75 17.71
CA PRO F 8 3.88 -7.74 16.99
C PRO F 8 5.06 -7.85 17.94
N ASP F 9 6.04 -8.65 17.56
CA ASP F 9 7.31 -8.76 18.28
C ASP F 9 8.34 -8.08 17.39
N LEU F 10 8.67 -6.83 17.69
CA LEU F 10 9.59 -6.06 16.84
C LEU F 10 10.96 -6.73 16.71
N GLU F 11 11.45 -7.33 17.79
CA GLU F 11 12.74 -7.98 17.71
C GLU F 11 12.68 -9.15 16.73
N GLN F 12 11.61 -9.92 16.79
CA GLN F 12 11.40 -11.06 15.90
C GLN F 12 11.28 -10.62 14.44
N LEU F 13 10.55 -9.53 14.20
CA LEU F 13 10.43 -9.02 12.83
C LEU F 13 11.80 -8.65 12.28
N ASN F 14 12.62 -8.02 13.11
CA ASN F 14 13.97 -7.67 12.71
C ASN F 14 14.87 -8.90 12.51
N ALA F 15 14.80 -9.84 13.44
CA ALA F 15 15.65 -11.03 13.37
C ALA F 15 15.31 -11.90 12.17
N SER F 16 14.04 -11.88 11.76
CA SER F 16 13.57 -12.74 10.69
C SER F 16 14.12 -12.31 9.32
N GLN F 17 14.69 -11.10 9.26
CA GLN F 17 15.25 -10.59 8.01
C GLN F 17 16.63 -11.13 7.69
N LYS F 18 17.17 -11.95 8.58
CA LYS F 18 18.50 -12.52 8.37
C LYS F 18 18.57 -13.16 6.99
N ASN F 19 19.65 -12.88 6.25
CA ASN F 19 19.87 -13.43 4.91
C ASN F 19 18.83 -13.00 3.88
N SER F 20 18.33 -11.79 4.03
CA SER F 20 17.42 -11.21 3.05
C SER F 20 17.78 -9.73 2.89
N ILE F 21 17.19 -9.08 1.90
CA ILE F 21 17.55 -7.70 1.56
C ILE F 21 17.30 -6.71 2.72
N GLY F 22 16.27 -6.97 3.51
CA GLY F 22 15.96 -6.14 4.67
C GLY F 22 17.13 -6.04 5.63
N ASP F 23 17.82 -7.15 5.86
CA ASP F 23 18.98 -7.10 6.73
C ASP F 23 20.13 -6.34 6.06
N LEU F 24 20.39 -6.66 4.80
CA LEU F 24 21.46 -6.03 4.03
C LEU F 24 21.35 -4.51 3.99
N LEU F 25 20.12 -4.01 3.85
CA LEU F 25 19.89 -2.57 3.69
C LEU F 25 19.67 -1.87 5.02
N GLY F 26 19.60 -2.63 6.11
CA GLY F 26 19.47 -2.03 7.42
C GLY F 26 18.05 -1.63 7.76
N ILE F 27 17.09 -2.26 7.08
CA ILE F 27 15.68 -2.05 7.43
C ILE F 27 15.41 -2.50 8.85
N ARG F 28 14.69 -1.67 9.60
CA ARG F 28 14.49 -1.93 11.01
C ARG F 28 13.07 -1.59 11.43
N PHE F 29 12.35 -2.58 11.93
CA PHE F 29 11.03 -2.33 12.50
C PHE F 29 11.21 -1.59 13.82
N GLU F 30 10.52 -0.46 13.96
CA GLU F 30 10.78 0.54 15.00
C GLU F 30 9.70 0.62 16.06
N ALA F 31 8.45 0.45 15.65
CA ALA F 31 7.33 0.76 16.51
C ALA F 31 6.04 0.19 15.95
N PHE F 32 5.04 0.05 16.81
CA PHE F 32 3.72 -0.30 16.34
C PHE F 32 2.73 0.29 17.32
N ASP F 33 1.51 0.49 16.85
CA ASP F 33 0.41 0.75 17.77
C ASP F 33 -0.84 0.04 17.24
N ASP F 34 -2.00 0.44 17.72
CA ASP F 34 -3.23 -0.27 17.39
C ASP F 34 -3.58 -0.15 15.90
N GLU F 35 -3.07 0.91 15.27
CA GLU F 35 -3.46 1.26 13.91
C GLU F 35 -2.32 1.30 12.91
N SER F 36 -1.10 1.11 13.36
CA SER F 36 0.04 1.31 12.45
C SER F 36 1.25 0.49 12.81
N LEU F 37 2.14 0.36 11.82
CA LEU F 37 3.43 -0.28 11.97
C LEU F 37 4.48 0.64 11.34
N THR F 38 5.62 0.79 12.00
CA THR F 38 6.67 1.72 11.55
C THR F 38 8.00 1.00 11.37
N ALA F 39 8.71 1.28 10.28
CA ALA F 39 10.06 0.77 10.10
C ALA F 39 10.92 1.89 9.50
N SER F 40 12.22 1.82 9.68
CA SER F 40 13.12 2.80 9.08
C SER F 40 14.29 2.14 8.37
N MET F 41 15.05 2.93 7.63
CA MET F 41 16.13 2.41 6.79
C MET F 41 17.18 3.50 6.62
N PRO F 42 18.47 3.13 6.68
CA PRO F 42 19.47 4.20 6.57
C PRO F 42 19.58 4.70 5.13
N VAL F 43 19.93 5.98 4.99
CA VAL F 43 20.23 6.55 3.68
C VAL F 43 21.75 6.66 3.61
N ASP F 44 22.39 5.66 3.01
CA ASP F 44 23.85 5.63 2.89
C ASP F 44 24.28 4.86 1.63
N SER F 45 25.54 4.46 1.55
CA SER F 45 26.03 3.82 0.33
C SER F 45 25.26 2.56 -0.04
N ARG F 46 24.62 1.93 0.95
CA ARG F 46 23.87 0.71 0.71
C ARG F 46 22.57 0.99 -0.04
N THR F 47 22.02 2.18 0.16
CA THR F 47 20.70 2.50 -0.39
C THR F 47 20.71 3.66 -1.37
N HIS F 48 21.88 4.26 -1.58
CA HIS F 48 22.02 5.36 -2.53
C HIS F 48 21.91 4.89 -3.97
N GLN F 49 21.47 5.77 -4.86
CA GLN F 49 21.67 5.59 -6.30
C GLN F 49 23.01 6.25 -6.63
N PRO F 50 23.49 6.17 -7.89
CA PRO F 50 24.87 6.62 -8.10
C PRO F 50 25.16 8.11 -7.86
N PHE F 51 24.15 8.92 -7.61
CA PHE F 51 24.37 10.35 -7.41
C PHE F 51 24.22 10.82 -5.96
N GLY F 52 24.18 9.86 -5.03
CA GLY F 52 24.16 10.18 -3.61
C GLY F 52 22.81 10.48 -3.01
N LEU F 53 21.75 10.25 -3.78
CA LEU F 53 20.38 10.36 -3.26
C LEU F 53 19.90 8.97 -2.92
N LEU F 54 18.90 8.87 -2.05
CA LEU F 54 18.25 7.58 -1.80
C LEU F 54 17.63 7.04 -3.09
N HIS F 55 17.96 5.79 -3.43
CA HIS F 55 17.44 5.15 -4.64
C HIS F 55 15.91 4.99 -4.49
N GLY F 56 15.15 5.36 -5.53
CA GLY F 56 13.70 5.25 -5.49
C GLY F 56 13.22 3.85 -5.19
N GLY F 57 13.91 2.86 -5.73
CA GLY F 57 13.58 1.48 -5.48
C GLY F 57 13.81 1.08 -4.04
N ALA F 58 14.83 1.64 -3.39
CA ALA F 58 15.09 1.37 -1.98
C ALA F 58 13.92 1.84 -1.11
N SER F 59 13.32 2.97 -1.46
CA SER F 59 12.11 3.39 -0.73
C SER F 59 11.02 2.33 -0.87
N VAL F 60 10.93 1.72 -2.04
CA VAL F 60 9.90 0.72 -2.29
C VAL F 60 10.23 -0.61 -1.57
N VAL F 61 11.52 -0.94 -1.44
CA VAL F 61 11.92 -2.08 -0.62
C VAL F 61 11.40 -1.89 0.80
N LEU F 62 11.64 -0.72 1.36
CA LEU F 62 11.18 -0.42 2.73
C LEU F 62 9.66 -0.53 2.84
N ALA F 63 8.96 0.09 1.89
CA ALA F 63 7.51 0.08 1.89
C ALA F 63 6.96 -1.33 1.79
N GLU F 64 7.53 -2.13 0.90
CA GLU F 64 7.02 -3.48 0.70
C GLU F 64 7.40 -4.42 1.85
N SER F 65 8.58 -4.24 2.45
CA SER F 65 8.92 -4.98 3.68
C SER F 65 7.93 -4.68 4.80
N LEU F 66 7.67 -3.39 5.00
CA LEU F 66 6.79 -2.93 6.06
C LEU F 66 5.34 -3.38 5.87
N GLY F 67 4.80 -3.13 4.68
CA GLY F 67 3.43 -3.49 4.39
C GLY F 67 3.20 -4.98 4.40
N SER F 68 4.17 -5.76 3.90
CA SER F 68 4.02 -7.20 3.86
C SER F 68 3.99 -7.78 5.27
N MET F 69 4.87 -7.28 6.14
CA MET F 69 4.87 -7.71 7.54
C MET F 69 3.58 -7.31 8.22
N ALA F 70 3.10 -6.11 7.92
CA ALA F 70 1.82 -5.67 8.47
C ALA F 70 0.69 -6.64 8.09
N SER F 71 0.65 -7.06 6.83
CA SER F 71 -0.33 -8.06 6.39
C SER F 71 -0.20 -9.38 7.14
N TYR F 72 1.03 -9.83 7.36
CA TYR F 72 1.26 -11.09 8.06
C TYR F 72 0.73 -11.02 9.49
N LEU F 73 0.87 -9.86 10.11
CA LEU F 73 0.41 -9.65 11.48
C LEU F 73 -1.11 -9.56 11.59
N CYS F 74 -1.79 -9.47 10.43
CA CYS F 74 -3.24 -9.33 10.39
C CYS F 74 -3.98 -10.62 10.00
N VAL F 75 -3.28 -11.64 9.56
CA VAL F 75 -3.96 -12.88 9.14
C VAL F 75 -3.62 -14.07 10.03
N ASP F 76 -4.48 -15.09 9.97
CA ASP F 76 -4.18 -16.37 10.58
C ASP F 76 -3.05 -17.00 9.79
N THR F 77 -1.82 -16.90 10.31
CA THR F 77 -0.65 -17.36 9.59
C THR F 77 -0.57 -18.89 9.51
N SER F 78 -1.51 -19.58 10.13
CA SER F 78 -1.58 -21.03 10.05
C SER F 78 -2.44 -21.46 8.85
N GLN F 79 -3.24 -20.53 8.36
CA GLN F 79 -4.13 -20.81 7.23
C GLN F 79 -3.77 -19.97 6.00
N TYR F 80 -3.20 -18.80 6.24
CA TYR F 80 -2.94 -17.86 5.16
C TYR F 80 -1.53 -17.33 5.11
N TYR F 81 -1.10 -16.93 3.91
CA TYR F 81 0.10 -16.13 3.78
C TYR F 81 -0.19 -15.02 2.78
N CYS F 82 0.69 -14.03 2.72
CA CYS F 82 0.41 -12.81 1.98
C CYS F 82 1.58 -12.53 1.05
N VAL F 83 1.27 -12.18 -0.19
CA VAL F 83 2.31 -11.81 -1.14
C VAL F 83 1.99 -10.46 -1.79
N GLY F 84 3.03 -9.70 -2.12
CA GLY F 84 2.82 -8.43 -2.81
C GLY F 84 2.19 -8.66 -4.15
N LEU F 85 1.13 -7.89 -4.45
CA LEU F 85 0.43 -8.02 -5.71
C LEU F 85 0.69 -6.82 -6.60
N GLU F 86 0.52 -5.62 -6.05
CA GLU F 86 0.72 -4.40 -6.82
C GLU F 86 1.31 -3.38 -5.89
N VAL F 87 2.27 -2.59 -6.37
CA VAL F 87 2.83 -1.53 -5.53
C VAL F 87 2.99 -0.28 -6.37
N ASN F 88 2.81 0.90 -5.77
CA ASN F 88 3.09 2.13 -6.51
C ASN F 88 3.62 3.17 -5.54
N ALA F 89 4.31 4.17 -6.06
CA ALA F 89 4.91 5.18 -5.19
C ALA F 89 5.13 6.46 -5.96
N ASN F 90 4.91 7.59 -5.29
CA ASN F 90 5.41 8.88 -5.76
C ASN F 90 6.61 9.29 -4.98
N HIS F 91 7.67 9.67 -5.69
CA HIS F 91 8.89 10.13 -5.06
C HIS F 91 8.81 11.64 -4.93
N LEU F 92 8.70 12.12 -3.69
CA LEU F 92 8.35 13.51 -3.43
C LEU F 92 9.53 14.43 -3.18
N ARG F 93 10.51 13.96 -2.42
CA ARG F 93 11.71 14.72 -2.09
C ARG F 93 12.88 13.76 -2.05
N GLY F 94 14.05 14.20 -2.50
CA GLY F 94 15.24 13.36 -2.38
C GLY F 94 15.83 13.40 -0.99
N LEU F 95 16.47 12.31 -0.59
CA LEU F 95 17.18 12.27 0.68
C LEU F 95 18.63 11.90 0.43
N ARG F 96 19.53 12.45 1.24
CA ARG F 96 20.96 12.20 1.04
C ARG F 96 21.60 11.44 2.19
N SER F 97 21.11 11.70 3.41
CA SER F 97 21.70 11.07 4.58
C SER F 97 20.65 10.90 5.67
N GLY F 98 21.08 10.35 6.80
CA GLY F 98 20.16 10.06 7.87
C GLY F 98 19.40 8.78 7.62
N ARG F 99 18.14 8.76 8.03
CA ARG F 99 17.30 7.59 7.84
C ARG F 99 15.99 8.03 7.21
N VAL F 100 15.37 7.11 6.50
CA VAL F 100 14.00 7.32 6.02
C VAL F 100 13.08 6.43 6.84
N THR F 101 11.96 7.01 7.30
CA THR F 101 11.05 6.29 8.19
C THR F 101 9.71 6.11 7.50
N ALA F 102 9.20 4.89 7.50
CA ALA F 102 7.95 4.54 6.85
C ALA F 102 6.91 4.14 7.88
N VAL F 103 5.68 4.63 7.70
CA VAL F 103 4.56 4.27 8.56
C VAL F 103 3.45 3.69 7.71
N ALA F 104 3.01 2.48 8.06
CA ALA F 104 1.94 1.80 7.32
C ALA F 104 0.62 1.87 8.09
N ARG F 105 -0.44 2.26 7.41
CA ARG F 105 -1.80 2.26 7.93
C ARG F 105 -2.73 1.50 6.99
N ALA F 106 -3.70 0.79 7.54
CA ALA F 106 -4.61 0.01 6.71
C ALA F 106 -5.65 0.85 6.01
N ILE F 107 -5.77 0.66 4.69
CA ILE F 107 -6.86 1.24 3.92
C ILE F 107 -8.00 0.24 3.82
N HIS F 108 -7.66 -1.04 3.59
CA HIS F 108 -8.65 -2.07 3.40
C HIS F 108 -8.04 -3.41 3.81
N LEU F 109 -8.71 -4.13 4.71
CA LEU F 109 -8.28 -5.48 5.05
C LEU F 109 -9.39 -6.47 4.68
N GLY F 110 -9.33 -7.00 3.48
CA GLY F 110 -10.35 -7.90 3.00
C GLY F 110 -9.98 -9.36 3.16
N ARG F 111 -10.86 -10.24 2.68
CA ARG F 111 -10.62 -11.66 2.75
C ARG F 111 -9.51 -12.10 1.81
N THR F 112 -9.44 -11.49 0.63
CA THR F 112 -8.45 -11.90 -0.37
C THR F 112 -7.37 -10.86 -0.69
N THR F 113 -7.61 -9.60 -0.32
CA THR F 113 -6.63 -8.54 -0.57
C THR F 113 -6.51 -7.62 0.63
N HIS F 114 -5.34 -7.01 0.81
CA HIS F 114 -5.18 -5.93 1.77
C HIS F 114 -4.62 -4.74 1.00
N VAL F 115 -4.97 -3.53 1.43
CA VAL F 115 -4.36 -2.35 0.82
C VAL F 115 -3.80 -1.50 1.94
N TRP F 116 -2.52 -1.14 1.83
CA TRP F 116 -1.80 -0.38 2.84
C TRP F 116 -1.39 0.98 2.32
N ASP F 117 -1.57 2.00 3.16
CA ASP F 117 -1.13 3.36 2.88
C ASP F 117 0.22 3.52 3.58
N ILE F 118 1.27 3.81 2.83
CA ILE F 118 2.59 3.87 3.45
C ILE F 118 3.28 5.21 3.21
N ARG F 119 3.52 5.94 4.28
CA ARG F 119 4.11 7.28 4.21
C ARG F 119 5.56 7.27 4.69
N LEU F 120 6.46 7.79 3.86
CA LEU F 120 7.89 7.86 4.15
C LEU F 120 8.33 9.30 4.35
N SER F 121 9.20 9.51 5.34
CA SER F 121 9.80 10.81 5.57
C SER F 121 11.25 10.71 6.02
N GLY F 122 12.02 11.76 5.75
CA GLY F 122 13.39 11.86 6.24
C GLY F 122 13.42 12.33 7.68
N ASP F 123 14.61 12.43 8.27
CA ASP F 123 14.73 12.78 9.68
C ASP F 123 14.20 14.18 10.02
N ASP F 124 14.06 15.02 9.00
CA ASP F 124 13.47 16.36 9.17
C ASP F 124 11.93 16.32 9.24
N GLY F 125 11.35 15.14 9.06
CA GLY F 125 9.92 14.94 9.19
C GLY F 125 9.11 15.25 7.94
N LYS F 126 9.76 15.78 6.92
CA LYS F 126 9.06 16.14 5.69
C LYS F 126 8.82 14.92 4.82
N PRO F 127 7.62 14.82 4.22
CA PRO F 127 7.34 13.67 3.36
C PRO F 127 8.37 13.50 2.24
N SER F 128 8.88 12.29 2.05
CA SER F 128 9.84 12.04 0.99
C SER F 128 9.27 11.11 -0.09
N CYS F 129 8.34 10.25 0.29
CA CYS F 129 7.74 9.31 -0.63
C CYS F 129 6.37 8.89 -0.10
N ILE F 130 5.43 8.60 -0.99
CA ILE F 130 4.16 8.00 -0.57
C ILE F 130 3.91 6.77 -1.43
N ALA F 131 3.62 5.66 -0.78
CA ALA F 131 3.44 4.41 -1.49
C ALA F 131 2.08 3.84 -1.18
N ARG F 132 1.53 3.05 -2.09
CA ARG F 132 0.34 2.27 -1.75
C ARG F 132 0.61 0.83 -2.16
N LEU F 133 0.32 -0.11 -1.27
CA LEU F 133 0.69 -1.52 -1.51
C LEU F 133 -0.55 -2.40 -1.48
N THR F 134 -0.71 -3.24 -2.49
CA THR F 134 -1.83 -4.18 -2.50
C THR F 134 -1.25 -5.59 -2.28
N MET F 135 -1.75 -6.27 -1.25
CA MET F 135 -1.29 -7.62 -0.91
C MET F 135 -2.36 -8.62 -1.30
N ALA F 136 -1.94 -9.79 -1.80
CA ALA F 136 -2.88 -10.90 -2.00
C ALA F 136 -2.84 -11.80 -0.77
N VAL F 137 -4.01 -12.17 -0.26
CA VAL F 137 -4.10 -13.07 0.89
C VAL F 137 -4.44 -14.44 0.36
N VAL F 138 -3.50 -15.38 0.49
CA VAL F 138 -3.60 -16.68 -0.17
C VAL F 138 -3.75 -17.80 0.84
N PRO F 139 -4.75 -18.66 0.65
CA PRO F 139 -4.93 -19.83 1.53
C PRO F 139 -3.76 -20.78 1.34
N LEU F 140 -3.19 -21.27 2.44
CA LEU F 140 -2.11 -22.25 2.35
C LEU F 140 -2.63 -23.58 1.83
#